data_9I8J
#
_entry.id   9I8J
#
_cell.length_a   1.00
_cell.length_b   1.00
_cell.length_c   1.00
_cell.angle_alpha   90.00
_cell.angle_beta   90.00
_cell.angle_gamma   90.00
#
_symmetry.space_group_name_H-M   'P 1'
#
_entity_poly.entity_id   1
_entity_poly.type   'polypeptide(L)'
_entity_poly.pdbx_seq_one_letter_code
;KTVDSISPAGLLTTPVLTGVGNDNRWNGQIVGLQPVPGGFSTCNRHWNLNGSTYGWSSPRFADIDHRRGSASYPGNNATN
VLQFWYANAGSAIDNPISQVAPDGFPDMSFVPFNGPGIPAAGWVGFGAIWNSNSGAPNVTTVQAYELGFATGAPGNLQPT
TNTSGSQTVAKSIYAVVTGTAQNPAGLFVMASGVISTPSANAITYTPQPDRIVTTPGTPAAAPVGKNTPIMFASVVRRTG
DVNATAGSANGTQYGTGSQPLPVTIGLSLNNYSSALMPGQFFVWQLTFASGFMEIGLSVDGYFYAGTGASTTLIDLTELI
DVRPVGPRPSKSTLVFNLGG
;
_entity_poly.pdbx_strand_id   A,B
#
# COMPACT_ATOMS: atom_id res chain seq x y z
N LYS A 1 27.21 16.63 21.30
CA LYS A 1 28.55 16.17 21.65
C LYS A 1 29.27 15.59 20.43
N THR A 2 30.51 16.07 20.22
CA THR A 2 31.43 15.79 19.11
C THR A 2 30.76 15.76 17.74
N VAL A 3 30.82 14.62 17.06
CA VAL A 3 30.21 14.48 15.72
C VAL A 3 28.71 14.32 15.92
N ASP A 4 27.97 15.39 15.71
CA ASP A 4 26.51 15.39 15.85
C ASP A 4 25.83 15.15 14.51
N SER A 5 26.17 14.02 13.89
CA SER A 5 25.61 13.62 12.61
C SER A 5 25.50 12.10 12.57
N ILE A 6 24.78 11.60 11.56
CA ILE A 6 24.50 10.18 11.42
C ILE A 6 25.16 9.69 10.15
N SER A 7 25.90 8.57 10.27
CA SER A 7 26.44 7.92 9.08
C SER A 7 25.32 7.20 8.32
N PRO A 8 25.40 7.11 6.98
CA PRO A 8 24.35 6.39 6.22
C PRO A 8 24.63 4.89 6.14
N ALA A 9 24.54 4.23 7.28
CA ALA A 9 24.85 2.81 7.35
C ALA A 9 23.69 1.96 7.82
N GLY A 10 22.98 2.39 8.86
CA GLY A 10 21.96 1.57 9.48
C GLY A 10 20.62 1.57 8.79
N LEU A 11 20.42 2.40 7.78
CA LEU A 11 19.15 2.40 7.08
C LEU A 11 19.00 1.21 6.12
N LEU A 12 20.12 0.67 5.61
CA LEU A 12 20.09 -0.49 4.72
C LEU A 12 20.67 -1.67 5.50
N THR A 13 19.79 -2.48 6.07
CA THR A 13 20.16 -3.59 6.92
C THR A 13 19.86 -4.92 6.24
N THR A 14 20.01 -6.00 7.00
CA THR A 14 19.80 -7.36 6.49
C THR A 14 18.39 -7.68 5.97
N PRO A 15 17.26 -7.40 6.66
CA PRO A 15 15.99 -7.87 6.10
C PRO A 15 15.35 -6.93 5.08
N VAL A 16 16.10 -5.98 4.53
CA VAL A 16 15.55 -5.06 3.53
C VAL A 16 15.55 -5.71 2.15
N LEU A 17 16.33 -6.78 1.95
CA LEU A 17 16.45 -7.41 0.65
C LEU A 17 16.00 -8.87 0.61
N THR A 18 15.91 -9.55 1.73
CA THR A 18 15.57 -10.97 1.78
C THR A 18 14.36 -11.15 2.73
N GLY A 19 13.35 -10.32 2.52
CA GLY A 19 12.26 -10.19 3.46
C GLY A 19 11.39 -9.01 3.10
N VAL A 20 11.16 -8.10 4.04
CA VAL A 20 10.40 -6.88 3.74
C VAL A 20 11.21 -5.95 2.85
N GLY A 21 10.52 -4.96 2.28
CA GLY A 21 11.18 -4.03 1.38
C GLY A 21 10.45 -3.86 0.07
N ASN A 22 10.17 -2.60 -0.31
CA ASN A 22 9.36 -2.31 -1.47
C ASN A 22 10.05 -1.29 -2.36
N ASP A 23 9.48 -1.07 -3.54
CA ASP A 23 10.04 -0.21 -4.56
C ASP A 23 9.46 1.20 -4.46
N ASN A 24 9.75 2.04 -5.46
CA ASN A 24 9.17 3.37 -5.55
C ASN A 24 8.03 3.49 -6.55
N ARG A 25 7.73 2.44 -7.31
CA ARG A 25 6.70 2.50 -8.33
C ARG A 25 5.46 1.70 -7.95
N TRP A 26 5.65 0.45 -7.61
CA TRP A 26 4.61 -0.40 -7.04
C TRP A 26 5.09 -0.83 -5.65
N ASN A 27 4.16 -1.34 -4.86
CA ASN A 27 4.50 -1.84 -3.53
C ASN A 27 4.79 -3.34 -3.59
N GLY A 28 5.77 -3.69 -4.43
CA GLY A 28 6.13 -5.07 -4.69
C GLY A 28 7.38 -5.46 -3.93
N GLN A 29 7.46 -6.74 -3.56
CA GLN A 29 8.60 -7.24 -2.81
C GLN A 29 9.82 -7.35 -3.71
N ILE A 30 10.97 -6.92 -3.19
CA ILE A 30 12.18 -6.90 -3.99
C ILE A 30 12.75 -8.30 -4.09
N VAL A 31 12.88 -8.80 -5.33
CA VAL A 31 13.50 -10.09 -5.57
C VAL A 31 14.77 -9.98 -6.41
N GLY A 32 15.04 -8.86 -7.05
CA GLY A 32 16.21 -8.79 -7.91
C GLY A 32 16.80 -7.40 -7.99
N LEU A 33 18.06 -7.35 -8.39
CA LEU A 33 18.67 -6.13 -8.90
C LEU A 33 19.07 -6.38 -10.34
N GLN A 34 18.72 -5.45 -11.22
CA GLN A 34 19.09 -5.59 -12.61
C GLN A 34 19.89 -4.35 -13.04
N PRO A 35 21.07 -4.52 -13.62
CA PRO A 35 21.85 -3.37 -14.05
C PRO A 35 21.34 -2.82 -15.37
N VAL A 36 21.61 -1.54 -15.60
CA VAL A 36 21.43 -0.92 -16.90
C VAL A 36 22.71 -0.21 -17.33
N PRO A 37 23.22 -0.46 -18.54
CA PRO A 37 24.35 0.32 -19.05
C PRO A 37 23.93 1.52 -19.87
N GLY A 38 24.47 2.69 -19.56
CA GLY A 38 24.14 3.89 -20.30
C GLY A 38 23.52 4.95 -19.41
N GLY A 39 22.72 4.51 -18.45
CA GLY A 39 22.14 5.39 -17.46
C GLY A 39 20.63 5.44 -17.53
N PHE A 40 20.07 6.09 -16.52
CA PHE A 40 18.64 6.28 -16.38
C PHE A 40 18.42 7.46 -15.45
N SER A 41 17.19 7.96 -15.41
CA SER A 41 16.82 9.05 -14.50
C SER A 41 15.49 8.75 -13.86
N THR A 42 15.42 8.90 -12.53
CA THR A 42 14.18 8.78 -11.78
C THR A 42 14.13 9.89 -10.74
N CYS A 43 12.96 10.52 -10.62
CA CYS A 43 12.85 11.68 -9.75
C CYS A 43 11.54 11.72 -8.98
N ASN A 44 10.78 10.63 -8.98
CA ASN A 44 9.44 10.67 -8.39
C ASN A 44 9.49 10.53 -6.86
N ARG A 45 9.90 9.37 -6.37
CA ARG A 45 10.11 9.18 -4.94
C ARG A 45 11.59 8.97 -4.65
N HIS A 46 12.45 9.54 -5.49
CA HIS A 46 13.89 9.41 -5.37
C HIS A 46 14.43 10.60 -4.59
N TRP A 47 14.95 10.33 -3.40
CA TRP A 47 15.48 11.34 -2.51
C TRP A 47 17.00 11.30 -2.57
N ASN A 48 17.62 12.47 -2.74
CA ASN A 48 19.08 12.53 -2.72
C ASN A 48 19.56 12.62 -1.27
N LEU A 49 20.88 12.79 -1.10
CA LEU A 49 21.45 12.69 0.25
C LEU A 49 21.16 13.92 1.10
N ASN A 50 20.78 15.03 0.50
CA ASN A 50 20.29 16.15 1.27
C ASN A 50 18.80 15.98 1.54
N GLY A 51 18.23 16.95 2.25
CA GLY A 51 16.80 16.90 2.54
C GLY A 51 15.96 17.54 1.46
N SER A 52 15.98 16.97 0.26
CA SER A 52 15.30 17.56 -0.88
C SER A 52 14.96 16.48 -1.89
N THR A 53 14.10 16.84 -2.84
CA THR A 53 13.76 15.99 -3.98
C THR A 53 13.36 16.91 -5.12
N TYR A 54 13.32 16.36 -6.32
CA TYR A 54 12.87 17.09 -7.50
C TYR A 54 11.66 16.35 -8.05
N GLY A 55 10.50 16.61 -7.47
CA GLY A 55 9.30 15.96 -7.94
C GLY A 55 8.19 15.99 -6.92
N TRP A 56 7.09 15.34 -7.28
CA TRP A 56 5.89 15.21 -6.48
C TRP A 56 5.99 13.91 -5.68
N SER A 57 4.86 13.41 -5.16
CA SER A 57 4.67 12.06 -4.59
C SER A 57 5.56 11.79 -3.36
N SER A 58 5.10 12.37 -2.24
CA SER A 58 5.48 12.00 -0.87
C SER A 58 5.50 10.49 -0.66
N PRO A 59 6.44 9.93 0.17
CA PRO A 59 6.68 8.47 0.16
C PRO A 59 5.67 7.59 0.90
N ARG A 60 4.57 7.27 0.22
CA ARG A 60 3.40 6.59 0.76
C ARG A 60 2.51 6.22 -0.41
N PHE A 61 2.04 4.97 -0.44
CA PHE A 61 1.11 4.52 -1.47
C PHE A 61 -0.32 4.60 -0.91
N ALA A 62 -0.89 5.81 -0.91
CA ALA A 62 -2.24 5.99 -0.40
C ALA A 62 -3.28 6.12 -1.50
N ASP A 63 -3.20 7.19 -2.31
CA ASP A 63 -4.35 7.61 -3.09
C ASP A 63 -3.92 8.67 -4.10
N ILE A 64 -4.64 8.72 -5.22
CA ILE A 64 -4.50 9.75 -6.24
C ILE A 64 -5.86 10.41 -6.40
N ASP A 65 -5.94 11.72 -6.17
CA ASP A 65 -7.21 12.42 -6.13
C ASP A 65 -6.96 13.76 -6.79
N HIS A 66 -7.72 14.06 -7.86
CA HIS A 66 -7.68 15.37 -8.50
C HIS A 66 -9.09 15.85 -8.78
N ARG A 67 -9.30 17.17 -8.64
CA ARG A 67 -10.64 17.75 -8.60
C ARG A 67 -11.03 18.47 -9.89
N ARG A 68 -10.13 19.27 -10.47
CA ARG A 68 -10.45 20.08 -11.64
C ARG A 68 -9.76 19.52 -12.88
N GLY A 69 -10.52 19.37 -13.95
CA GLY A 69 -10.00 18.88 -15.21
C GLY A 69 -11.09 18.37 -16.13
N SER A 70 -10.84 18.32 -17.43
CA SER A 70 -11.93 18.07 -18.37
C SER A 70 -12.09 16.59 -18.66
N ALA A 71 -13.31 16.21 -19.04
CA ALA A 71 -13.67 14.83 -19.33
C ALA A 71 -14.35 14.77 -20.69
N SER A 72 -14.24 13.60 -21.34
CA SER A 72 -14.79 13.40 -22.66
C SER A 72 -14.97 11.90 -22.90
N TYR A 73 -15.67 11.58 -23.99
CA TYR A 73 -15.85 10.24 -24.49
C TYR A 73 -16.09 10.34 -25.99
N PRO A 74 -15.56 9.43 -26.79
CA PRO A 74 -15.78 9.49 -28.24
C PRO A 74 -17.08 8.80 -28.64
N GLY A 75 -17.51 9.09 -29.86
CA GLY A 75 -18.70 8.46 -30.40
C GLY A 75 -19.96 9.24 -30.12
N ASN A 76 -20.93 9.10 -31.03
CA ASN A 76 -22.21 9.79 -30.86
C ASN A 76 -23.09 9.06 -29.85
N ASN A 77 -22.83 7.78 -29.61
CA ASN A 77 -23.63 7.00 -28.68
C ASN A 77 -22.95 6.98 -27.31
N ALA A 78 -23.74 7.24 -26.26
CA ALA A 78 -23.23 7.26 -24.89
C ALA A 78 -23.44 5.89 -24.22
N THR A 79 -22.93 4.85 -24.87
CA THR A 79 -23.07 3.48 -24.40
C THR A 79 -21.86 2.70 -24.88
N ASN A 80 -21.15 2.08 -23.93
CA ASN A 80 -19.97 1.22 -24.15
C ASN A 80 -18.85 1.97 -24.87
N VAL A 81 -18.34 3.01 -24.20
CA VAL A 81 -17.27 3.86 -24.71
C VAL A 81 -16.10 3.80 -23.74
N LEU A 82 -15.05 4.55 -24.08
CA LEU A 82 -13.85 4.65 -23.25
C LEU A 82 -13.74 6.09 -22.75
N GLN A 83 -13.86 6.27 -21.44
CA GLN A 83 -13.82 7.62 -20.88
C GLN A 83 -12.40 8.15 -20.85
N PHE A 84 -12.24 9.41 -21.27
CA PHE A 84 -10.93 10.04 -21.41
C PHE A 84 -10.93 11.37 -20.65
N TRP A 85 -10.02 11.50 -19.70
CA TRP A 85 -9.92 12.66 -18.82
C TRP A 85 -8.56 13.30 -19.03
N TYR A 86 -8.52 14.64 -19.03
CA TYR A 86 -7.25 15.30 -19.26
C TYR A 86 -7.17 16.56 -18.41
N ALA A 87 -5.95 16.89 -18.02
CA ALA A 87 -5.64 18.16 -17.38
C ALA A 87 -4.23 18.57 -17.81
N ASN A 88 -3.92 19.84 -17.61
CA ASN A 88 -2.60 20.31 -17.97
C ASN A 88 -1.63 20.17 -16.79
N ALA A 89 -0.34 20.35 -17.07
CA ALA A 89 0.67 20.26 -16.04
C ALA A 89 0.81 21.62 -15.34
N GLY A 90 0.67 21.62 -14.02
CA GLY A 90 0.72 22.82 -13.24
C GLY A 90 -0.58 23.26 -12.61
N SER A 91 -1.65 22.47 -12.73
CA SER A 91 -2.94 22.82 -12.15
C SER A 91 -3.18 22.16 -10.80
N ALA A 92 -2.22 21.41 -10.27
CA ALA A 92 -2.40 20.72 -8.99
C ALA A 92 -2.11 21.71 -7.88
N ILE A 93 -3.18 22.29 -7.33
CA ILE A 93 -3.03 23.26 -6.24
C ILE A 93 -2.92 22.52 -4.91
N ASP A 94 -3.52 21.34 -4.80
CA ASP A 94 -3.64 20.66 -3.52
C ASP A 94 -2.34 19.99 -3.09
N ASN A 95 -1.42 19.73 -4.01
CA ASN A 95 -0.18 19.05 -3.67
C ASN A 95 0.83 20.06 -3.14
N PRO A 96 1.26 19.97 -1.88
CA PRO A 96 2.14 21.00 -1.33
C PRO A 96 3.59 20.89 -1.77
N ILE A 97 4.02 19.74 -2.29
CA ILE A 97 5.41 19.59 -2.71
C ILE A 97 5.63 20.20 -4.09
N SER A 98 4.96 19.65 -5.10
CA SER A 98 5.12 20.11 -6.47
C SER A 98 3.76 20.30 -7.11
N GLN A 99 3.65 21.32 -7.96
CA GLN A 99 2.40 21.65 -8.63
C GLN A 99 2.18 20.87 -9.91
N VAL A 100 3.16 20.08 -10.36
CA VAL A 100 3.13 19.52 -11.71
C VAL A 100 2.23 18.30 -11.84
N ALA A 101 1.80 17.70 -10.75
CA ALA A 101 1.02 16.47 -10.78
C ALA A 101 0.27 16.32 -9.47
N PRO A 102 -0.82 15.57 -9.46
CA PRO A 102 -1.38 15.09 -8.19
C PRO A 102 -0.45 14.07 -7.55
N ASP A 103 -0.61 13.91 -6.24
CA ASP A 103 0.27 13.05 -5.43
C ASP A 103 -0.03 11.59 -5.73
N GLY A 104 0.96 10.88 -6.25
CA GLY A 104 0.81 9.49 -6.62
C GLY A 104 0.61 9.23 -8.09
N PHE A 105 0.71 10.24 -8.94
CA PHE A 105 0.54 10.05 -10.38
C PHE A 105 1.74 9.33 -10.95
N PRO A 106 1.55 8.31 -11.80
CA PRO A 106 2.68 7.57 -12.34
C PRO A 106 3.45 8.37 -13.38
N ASP A 107 4.78 8.33 -13.30
CA ASP A 107 5.61 9.18 -14.21
C ASP A 107 6.02 8.39 -15.46
N MET A 108 5.04 7.86 -16.21
CA MET A 108 5.35 7.12 -17.46
C MET A 108 4.73 7.85 -18.66
N SER A 109 5.22 7.54 -19.87
CA SER A 109 4.69 8.18 -21.10
C SER A 109 3.49 7.39 -21.64
N PHE A 110 2.40 8.09 -21.98
CA PHE A 110 1.22 7.43 -22.50
C PHE A 110 1.54 6.78 -23.84
N VAL A 111 1.04 5.58 -24.05
CA VAL A 111 1.16 4.88 -25.32
C VAL A 111 -0.12 5.14 -26.13
N PRO A 112 -0.01 5.43 -27.42
CA PRO A 112 -1.22 5.69 -28.23
C PRO A 112 -1.85 4.41 -28.71
N PHE A 113 -3.04 4.11 -28.20
CA PHE A 113 -3.80 2.94 -28.64
C PHE A 113 -5.25 3.34 -28.83
N ASN A 114 -5.94 2.60 -29.69
CA ASN A 114 -7.34 2.87 -30.00
C ASN A 114 -8.04 1.56 -30.30
N GLY A 115 -9.36 1.57 -30.22
CA GLY A 115 -10.16 0.40 -30.47
C GLY A 115 -10.23 -0.53 -29.28
N PRO A 116 -10.59 -1.80 -29.52
CA PRO A 116 -10.75 -2.75 -28.41
C PRO A 116 -9.46 -3.44 -27.99
N GLY A 117 -8.32 -3.06 -28.54
CA GLY A 117 -7.07 -3.75 -28.23
C GLY A 117 -6.52 -3.29 -26.89
N ILE A 118 -6.14 -4.26 -26.05
CA ILE A 118 -5.46 -3.96 -24.79
C ILE A 118 -4.05 -3.47 -25.09
N PRO A 119 -3.61 -2.35 -24.51
CA PRO A 119 -2.27 -1.84 -24.84
C PRO A 119 -1.17 -2.65 -24.18
N ALA A 120 -0.01 -2.68 -24.85
CA ALA A 120 1.18 -3.34 -24.33
C ALA A 120 1.88 -2.43 -23.35
N ALA A 121 2.31 -3.01 -22.23
CA ALA A 121 2.99 -2.26 -21.15
C ALA A 121 2.07 -1.18 -20.59
N GLY A 122 2.66 -0.26 -19.84
CA GLY A 122 1.89 0.85 -19.31
C GLY A 122 1.58 0.70 -17.82
N TRP A 123 0.70 1.59 -17.37
CA TRP A 123 0.35 1.71 -15.96
C TRP A 123 -1.15 1.84 -15.85
N VAL A 124 -1.82 0.81 -15.36
CA VAL A 124 -3.26 0.87 -15.15
C VAL A 124 -3.58 0.76 -13.66
N GLY A 125 -4.69 1.37 -13.28
CA GLY A 125 -5.14 1.35 -11.90
C GLY A 125 -6.64 1.50 -11.86
N PHE A 126 -7.24 0.96 -10.80
CA PHE A 126 -8.69 0.94 -10.68
C PHE A 126 -9.17 2.28 -10.14
N GLY A 127 -10.21 2.84 -10.75
CA GLY A 127 -10.64 4.17 -10.32
C GLY A 127 -11.95 4.59 -10.92
N ALA A 128 -12.37 5.80 -10.55
CA ALA A 128 -13.66 6.33 -10.94
C ALA A 128 -13.56 7.84 -11.07
N ILE A 129 -14.55 8.42 -11.75
CA ILE A 129 -14.64 9.88 -11.96
C ILE A 129 -15.73 10.44 -11.07
N TRP A 130 -15.48 11.63 -10.52
CA TRP A 130 -16.37 12.27 -9.56
C TRP A 130 -16.60 13.71 -9.98
N ASN A 131 -17.84 14.18 -9.82
CA ASN A 131 -18.15 15.57 -10.08
C ASN A 131 -17.66 16.46 -8.93
N SER A 132 -17.59 17.76 -9.19
CA SER A 132 -17.16 18.71 -8.18
C SER A 132 -18.35 19.16 -7.33
N ASN A 133 -18.15 20.23 -6.53
CA ASN A 133 -19.15 20.88 -5.67
C ASN A 133 -19.72 19.91 -4.64
N SER A 134 -18.84 19.57 -3.67
CA SER A 134 -19.06 18.57 -2.61
C SER A 134 -19.33 17.19 -3.23
N GLY A 135 -18.26 16.66 -3.82
CA GLY A 135 -18.29 15.53 -4.71
C GLY A 135 -18.83 14.19 -4.25
N ALA A 136 -19.84 13.72 -4.96
CA ALA A 136 -20.32 12.34 -4.85
C ALA A 136 -20.12 11.73 -6.22
N PRO A 137 -19.45 10.59 -6.34
CA PRO A 137 -19.08 10.06 -7.64
C PRO A 137 -20.27 9.42 -8.35
N ASN A 138 -20.14 9.33 -9.67
CA ASN A 138 -21.15 8.67 -10.48
C ASN A 138 -21.04 7.16 -10.31
N VAL A 139 -22.19 6.51 -10.11
CA VAL A 139 -22.23 5.08 -9.83
C VAL A 139 -21.84 4.26 -11.04
N THR A 140 -22.31 4.67 -12.23
CA THR A 140 -22.19 3.87 -13.43
C THR A 140 -20.86 4.04 -14.17
N THR A 141 -19.81 4.56 -13.51
CA THR A 141 -18.47 4.56 -14.12
C THR A 141 -17.42 4.30 -13.03
N VAL A 142 -17.06 3.02 -12.90
CA VAL A 142 -15.90 2.57 -12.13
C VAL A 142 -15.17 1.57 -13.02
N GLN A 143 -13.91 1.85 -13.34
CA GLN A 143 -13.22 1.04 -14.35
C GLN A 143 -11.72 1.09 -14.11
N ALA A 144 -11.00 0.20 -14.78
CA ALA A 144 -9.55 0.30 -14.89
C ALA A 144 -9.20 1.42 -15.85
N TYR A 145 -8.28 2.29 -15.44
CA TYR A 145 -7.85 3.42 -16.24
C TYR A 145 -6.34 3.37 -16.41
N GLU A 146 -5.88 3.66 -17.61
CA GLU A 146 -4.46 3.85 -17.88
C GLU A 146 -4.18 5.35 -17.86
N LEU A 147 -3.27 5.77 -16.99
CA LEU A 147 -2.91 7.16 -16.83
C LEU A 147 -1.54 7.41 -17.45
N GLY A 148 -1.21 8.68 -17.65
CA GLY A 148 0.11 8.99 -18.18
C GLY A 148 0.19 10.41 -18.69
N PHE A 149 1.19 10.64 -19.54
CA PHE A 149 1.55 11.97 -20.01
C PHE A 149 1.48 12.00 -21.53
N ALA A 150 0.80 12.99 -22.08
CA ALA A 150 0.70 13.10 -23.52
C ALA A 150 0.87 14.56 -23.96
N THR A 151 0.72 14.74 -25.27
CA THR A 151 0.67 16.04 -25.91
C THR A 151 -0.39 15.99 -27.00
N GLY A 152 -1.07 17.12 -27.20
CA GLY A 152 -2.05 17.22 -28.26
C GLY A 152 -3.34 16.51 -27.98
N ALA A 153 -3.70 16.39 -26.71
CA ALA A 153 -5.00 15.83 -26.34
C ALA A 153 -6.11 16.81 -26.70
N PRO A 154 -7.30 16.30 -27.10
CA PRO A 154 -7.72 14.91 -27.33
C PRO A 154 -7.65 14.49 -28.79
N GLY A 155 -6.81 15.14 -29.59
CA GLY A 155 -6.65 14.77 -30.98
C GLY A 155 -5.54 13.75 -31.18
N ASN A 156 -4.48 14.15 -31.88
CA ASN A 156 -3.34 13.28 -32.12
C ASN A 156 -2.51 13.17 -30.84
N LEU A 157 -2.59 12.02 -30.18
CA LEU A 157 -1.88 11.83 -28.91
C LEU A 157 -0.48 11.29 -29.16
N GLN A 158 0.53 12.00 -28.66
CA GLN A 158 1.92 11.60 -28.76
C GLN A 158 2.52 11.45 -27.36
N PRO A 159 3.44 10.51 -27.16
CA PRO A 159 4.12 10.41 -25.86
C PRO A 159 5.10 11.55 -25.65
N THR A 160 5.37 11.84 -24.37
CA THR A 160 6.17 12.98 -23.97
C THR A 160 7.33 12.51 -23.12
N THR A 161 8.47 13.21 -23.22
CA THR A 161 9.63 12.94 -22.39
C THR A 161 9.77 13.91 -21.22
N ASN A 162 9.69 15.21 -21.48
CA ASN A 162 9.86 16.23 -20.46
C ASN A 162 8.50 16.63 -19.90
N THR A 163 8.46 16.95 -18.61
CA THR A 163 7.20 17.28 -17.95
C THR A 163 6.70 18.66 -18.36
N SER A 164 7.61 19.57 -18.70
CA SER A 164 7.21 20.89 -19.15
C SER A 164 6.66 20.82 -20.56
N GLY A 165 5.49 21.43 -20.77
CA GLY A 165 4.82 21.34 -22.05
C GLY A 165 3.98 20.11 -22.26
N SER A 166 3.77 19.31 -21.21
CA SER A 166 3.03 18.06 -21.28
C SER A 166 1.66 18.22 -20.63
N GLN A 167 0.81 17.23 -20.83
CA GLN A 167 -0.52 17.24 -20.22
C GLN A 167 -0.92 15.85 -19.78
N THR A 168 -1.44 15.76 -18.56
CA THR A 168 -1.77 14.48 -17.96
C THR A 168 -3.08 13.96 -18.53
N VAL A 169 -3.08 12.68 -18.89
CA VAL A 169 -4.17 12.03 -19.60
C VAL A 169 -4.54 10.75 -18.85
N ALA A 170 -5.79 10.34 -19.01
CA ALA A 170 -6.35 9.23 -18.25
C ALA A 170 -7.45 8.59 -19.10
N LYS A 171 -7.12 7.48 -19.76
CA LYS A 171 -8.05 6.85 -20.69
C LYS A 171 -8.41 5.45 -20.21
N SER A 172 -9.70 5.12 -20.24
CA SER A 172 -10.14 3.80 -19.82
C SER A 172 -9.77 2.75 -20.87
N ILE A 173 -9.52 1.53 -20.39
CA ILE A 173 -9.12 0.44 -21.28
C ILE A 173 -10.29 -0.50 -21.51
N TYR A 174 -11.30 -0.43 -20.65
CA TYR A 174 -12.46 -1.30 -20.75
C TYR A 174 -13.72 -0.47 -20.96
N ALA A 175 -14.75 -1.13 -21.47
CA ALA A 175 -15.99 -0.45 -21.82
C ALA A 175 -16.78 -0.07 -20.58
N VAL A 176 -17.42 1.10 -20.65
CA VAL A 176 -18.24 1.62 -19.56
C VAL A 176 -19.54 2.14 -20.14
N VAL A 177 -20.66 1.83 -19.47
CA VAL A 177 -21.99 2.07 -20.04
C VAL A 177 -22.41 3.54 -20.04
N THR A 178 -21.74 4.39 -19.26
CA THR A 178 -22.03 5.82 -19.28
C THR A 178 -20.74 6.59 -19.50
N GLY A 179 -20.85 7.69 -20.25
CA GLY A 179 -19.73 8.58 -20.47
C GLY A 179 -20.13 10.03 -20.27
N THR A 180 -19.47 10.71 -19.34
CA THR A 180 -19.77 12.10 -19.05
C THR A 180 -18.83 13.01 -19.85
N ALA A 181 -19.22 14.28 -19.95
CA ALA A 181 -18.40 15.27 -20.64
C ALA A 181 -18.37 16.61 -19.90
N GLN A 182 -18.59 16.61 -18.59
CA GLN A 182 -18.64 17.86 -17.84
C GLN A 182 -17.24 18.43 -17.63
N ASN A 183 -17.13 19.75 -17.73
CA ASN A 183 -15.83 20.41 -17.63
C ASN A 183 -15.21 20.41 -16.23
N PRO A 184 -15.95 20.64 -15.09
CA PRO A 184 -15.32 20.32 -13.79
C PRO A 184 -15.55 18.86 -13.42
N ALA A 185 -14.45 18.08 -13.43
CA ALA A 185 -14.48 16.68 -13.06
C ALA A 185 -13.08 16.28 -12.62
N GLY A 186 -12.99 15.16 -11.89
CA GLY A 186 -11.72 14.73 -11.37
C GLY A 186 -11.60 13.22 -11.37
N LEU A 187 -10.49 12.75 -10.81
CA LEU A 187 -10.23 11.32 -10.66
C LEU A 187 -9.94 10.95 -9.22
N PHE A 188 -10.12 9.65 -8.97
CA PHE A 188 -9.84 9.02 -7.69
C PHE A 188 -9.33 7.62 -8.04
N VAL A 189 -8.02 7.46 -8.11
CA VAL A 189 -7.38 6.21 -8.51
C VAL A 189 -6.49 5.75 -7.36
N MET A 190 -6.59 4.43 -7.08
CA MET A 190 -5.76 3.82 -6.01
C MET A 190 -4.29 4.00 -6.38
N ALA A 191 -3.40 3.91 -5.41
CA ALA A 191 -2.00 4.22 -5.66
C ALA A 191 -1.24 3.03 -6.22
N SER A 192 -1.55 1.82 -5.77
CA SER A 192 -0.89 0.63 -6.28
C SER A 192 -1.47 0.26 -7.64
N GLY A 193 -0.59 -0.11 -8.58
CA GLY A 193 -0.98 -0.34 -9.94
C GLY A 193 -0.53 -1.69 -10.47
N VAL A 194 -1.07 -2.04 -11.64
CA VAL A 194 -0.71 -3.24 -12.36
C VAL A 194 -0.39 -2.87 -13.80
N ILE A 195 0.12 -3.83 -14.56
CA ILE A 195 0.61 -3.60 -15.91
C ILE A 195 -0.32 -4.28 -16.90
N SER A 196 -0.78 -3.52 -17.91
CA SER A 196 -1.71 -4.05 -18.90
C SER A 196 -0.96 -4.67 -20.06
N THR A 197 -1.43 -5.85 -20.49
CA THR A 197 -0.74 -6.73 -21.41
C THR A 197 -1.76 -7.28 -22.39
N PRO A 198 -1.41 -7.44 -23.69
CA PRO A 198 -2.37 -8.03 -24.64
C PRO A 198 -2.65 -9.52 -24.43
N SER A 199 -1.59 -10.33 -24.38
CA SER A 199 -1.71 -11.75 -24.08
C SER A 199 -0.73 -12.03 -22.93
N ALA A 200 -0.49 -13.32 -22.62
CA ALA A 200 0.37 -13.65 -21.44
C ALA A 200 1.85 -13.37 -21.73
N ASN A 201 2.66 -14.43 -21.80
CA ASN A 201 4.12 -14.29 -22.12
C ASN A 201 4.81 -13.31 -21.17
N ALA A 202 5.72 -12.47 -21.68
CA ALA A 202 6.49 -11.55 -20.86
C ALA A 202 7.04 -10.51 -21.80
N ILE A 203 6.68 -9.24 -21.60
CA ILE A 203 7.00 -8.19 -22.55
C ILE A 203 8.48 -7.83 -22.44
N THR A 204 8.85 -7.25 -21.30
CA THR A 204 10.17 -6.74 -20.92
C THR A 204 10.00 -6.28 -19.48
N TYR A 205 11.12 -5.96 -18.83
CA TYR A 205 11.04 -5.31 -17.53
C TYR A 205 10.56 -3.88 -17.72
N THR A 206 9.61 -3.47 -16.91
CA THR A 206 9.00 -2.18 -17.15
C THR A 206 9.23 -1.25 -15.96
N PRO A 207 9.70 -0.02 -16.18
CA PRO A 207 9.95 0.66 -17.45
C PRO A 207 11.29 0.39 -18.13
N GLN A 208 11.38 0.78 -19.40
CA GLN A 208 12.65 0.98 -20.07
C GLN A 208 13.26 2.30 -19.62
N PRO A 209 14.60 2.46 -19.74
CA PRO A 209 15.22 3.74 -19.36
C PRO A 209 14.80 4.95 -20.18
N ASP A 210 14.28 4.77 -21.39
CA ASP A 210 13.94 5.92 -22.23
C ASP A 210 12.51 6.41 -22.03
N ARG A 211 11.62 5.59 -21.50
CA ARG A 211 10.21 5.97 -21.35
C ARG A 211 9.97 6.81 -20.08
N ILE A 212 10.92 6.81 -19.15
CA ILE A 212 10.73 7.45 -17.85
C ILE A 212 10.81 8.96 -17.99
N VAL A 213 9.75 9.66 -17.57
CA VAL A 213 9.69 11.11 -17.70
C VAL A 213 10.54 11.74 -16.60
N THR A 214 11.15 12.88 -16.91
CA THR A 214 11.97 13.64 -15.98
C THR A 214 11.49 15.08 -15.96
N THR A 215 11.57 15.70 -14.79
CA THR A 215 11.42 17.14 -14.68
C THR A 215 12.73 17.81 -15.11
N PRO A 216 12.68 19.09 -15.51
CA PRO A 216 13.93 19.82 -15.74
C PRO A 216 14.74 20.01 -14.46
N GLY A 217 16.05 19.84 -14.57
CA GLY A 217 16.92 19.93 -13.41
C GLY A 217 17.12 18.64 -12.66
N THR A 218 17.20 17.51 -13.36
CA THR A 218 17.31 16.23 -12.69
C THR A 218 18.70 15.63 -12.87
N PRO A 219 19.28 15.06 -11.80
CA PRO A 219 20.60 14.41 -11.95
C PRO A 219 20.45 13.03 -12.56
N ALA A 220 21.29 12.75 -13.56
CA ALA A 220 21.22 11.52 -14.32
C ALA A 220 22.29 10.53 -13.85
N ALA A 221 21.94 9.26 -13.83
CA ALA A 221 22.90 8.22 -13.53
C ALA A 221 23.86 8.03 -14.70
N ALA A 222 25.15 7.91 -14.40
CA ALA A 222 26.16 7.71 -15.42
C ALA A 222 27.11 6.61 -14.95
N PRO A 223 27.49 5.68 -15.83
CA PRO A 223 28.49 4.67 -15.46
C PRO A 223 29.87 5.28 -15.35
N VAL A 224 30.49 5.11 -14.18
CA VAL A 224 31.83 5.63 -13.92
C VAL A 224 32.74 4.41 -13.77
N GLY A 225 33.78 4.35 -14.59
CA GLY A 225 34.68 3.21 -14.60
C GLY A 225 34.00 1.97 -15.16
N LYS A 226 34.26 0.83 -14.51
CA LYS A 226 33.56 -0.40 -14.84
C LYS A 226 32.26 -0.55 -14.07
N ASN A 227 31.95 0.36 -13.16
CA ASN A 227 30.69 0.32 -12.43
C ASN A 227 29.54 0.74 -13.32
N THR A 228 28.35 0.27 -12.99
CA THR A 228 27.15 0.60 -13.75
C THR A 228 25.99 0.68 -12.78
N PRO A 229 24.95 1.46 -13.08
CA PRO A 229 23.82 1.56 -12.13
C PRO A 229 22.90 0.36 -12.17
N ILE A 230 22.23 0.13 -11.04
CA ILE A 230 21.28 -0.97 -10.89
C ILE A 230 19.89 -0.42 -10.65
N MET A 231 18.92 -1.32 -10.71
CA MET A 231 17.51 -0.96 -10.63
C MET A 231 16.79 -2.13 -9.97
N PHE A 232 15.97 -1.84 -8.96
CA PHE A 232 15.42 -2.87 -8.09
C PHE A 232 14.13 -3.44 -8.67
N ALA A 233 14.08 -4.75 -8.82
CA ALA A 233 12.99 -5.45 -9.49
C ALA A 233 12.03 -6.06 -8.48
N SER A 234 10.79 -6.24 -8.93
CA SER A 234 9.72 -6.79 -8.12
C SER A 234 8.72 -7.50 -9.03
N VAL A 235 8.17 -8.62 -8.54
CA VAL A 235 7.20 -9.38 -9.32
C VAL A 235 5.82 -8.77 -9.13
N VAL A 236 5.23 -8.29 -10.22
CA VAL A 236 3.96 -7.58 -10.14
C VAL A 236 2.89 -8.32 -10.93
N ARG A 237 1.65 -8.15 -10.49
CA ARG A 237 0.51 -8.76 -11.18
C ARG A 237 0.22 -8.01 -12.48
N ARG A 238 -0.37 -8.72 -13.42
CA ARG A 238 -0.66 -8.18 -14.74
C ARG A 238 -2.11 -8.47 -15.10
N THR A 239 -2.53 -7.94 -16.26
CA THR A 239 -3.93 -8.08 -16.65
C THR A 239 -4.12 -9.26 -17.60
N GLY A 240 -3.06 -9.67 -18.29
CA GLY A 240 -3.18 -10.81 -19.19
C GLY A 240 -3.21 -12.14 -18.45
N ASP A 241 -2.70 -12.14 -17.21
CA ASP A 241 -2.64 -13.35 -16.39
C ASP A 241 -2.66 -12.90 -14.92
N VAL A 242 -3.80 -13.08 -14.26
CA VAL A 242 -3.94 -12.70 -12.86
C VAL A 242 -3.10 -13.62 -11.96
N ASN A 243 -3.05 -14.91 -12.29
CA ASN A 243 -2.31 -15.89 -11.49
C ASN A 243 -0.83 -15.95 -11.92
N ALA A 244 -0.12 -14.85 -11.67
CA ALA A 244 1.29 -14.73 -12.00
C ALA A 244 2.14 -15.06 -10.77
N THR A 245 1.90 -16.25 -10.25
CA THR A 245 2.76 -16.84 -9.24
C THR A 245 4.09 -17.20 -9.90
N ALA A 246 5.20 -17.04 -9.16
CA ALA A 246 6.55 -17.26 -9.67
C ALA A 246 6.84 -18.76 -9.73
N GLY A 247 6.40 -19.37 -10.84
CA GLY A 247 6.57 -20.79 -11.10
C GLY A 247 6.69 -21.08 -12.58
N SER A 248 5.85 -21.98 -13.08
CA SER A 248 5.80 -22.32 -14.49
C SER A 248 4.86 -21.37 -15.23
N ALA A 249 4.52 -21.73 -16.48
CA ALA A 249 3.65 -20.98 -17.41
C ALA A 249 4.22 -19.58 -17.68
N ASN A 250 5.37 -19.56 -18.36
CA ASN A 250 6.15 -18.41 -18.85
C ASN A 250 6.78 -17.59 -17.72
N GLY A 251 7.73 -16.74 -18.07
CA GLY A 251 8.38 -15.91 -17.07
C GLY A 251 7.45 -14.81 -16.59
N THR A 252 7.43 -14.62 -15.27
CA THR A 252 6.57 -13.63 -14.66
C THR A 252 7.08 -12.22 -14.92
N GLN A 253 6.16 -11.26 -14.83
CA GLN A 253 6.50 -9.89 -15.16
C GLN A 253 7.27 -9.22 -14.04
N TYR A 254 8.30 -8.46 -14.41
CA TYR A 254 9.16 -7.76 -13.47
C TYR A 254 9.00 -6.27 -13.67
N GLY A 255 8.75 -5.55 -12.58
CA GLY A 255 8.70 -4.10 -12.58
C GLY A 255 9.82 -3.53 -11.73
N THR A 256 10.44 -2.47 -12.21
CA THR A 256 11.68 -1.97 -11.64
C THR A 256 11.53 -0.54 -11.15
N GLY A 257 11.89 -0.30 -9.89
CA GLY A 257 12.00 1.01 -9.33
C GLY A 257 13.45 1.38 -9.03
N SER A 258 13.63 2.60 -8.54
CA SER A 258 14.98 3.17 -8.47
C SER A 258 15.72 2.77 -7.20
N GLN A 259 15.15 3.05 -6.03
CA GLN A 259 15.80 2.83 -4.75
C GLN A 259 14.80 2.19 -3.78
N PRO A 260 15.26 1.52 -2.72
CA PRO A 260 14.30 0.94 -1.77
C PRO A 260 13.57 2.00 -0.96
N LEU A 261 12.31 1.70 -0.62
CA LEU A 261 11.48 2.68 0.13
C LEU A 261 12.04 2.90 1.54
N PRO A 262 12.36 1.86 2.34
CA PRO A 262 12.99 2.05 3.68
C PRO A 262 14.07 3.12 3.59
N VAL A 263 14.81 3.14 2.48
CA VAL A 263 15.88 4.12 2.31
C VAL A 263 15.31 5.52 2.09
N THR A 264 14.19 5.61 1.35
CA THR A 264 13.49 6.86 1.14
C THR A 264 12.91 7.42 2.44
N ILE A 265 12.30 6.55 3.27
CA ILE A 265 11.76 6.96 4.56
C ILE A 265 12.87 7.40 5.51
N GLY A 266 13.93 6.60 5.61
CA GLY A 266 15.00 6.92 6.54
C GLY A 266 15.92 8.04 6.07
N LEU A 267 15.79 8.45 4.80
CA LEU A 267 16.63 9.55 4.27
C LEU A 267 15.83 10.86 4.33
N SER A 268 14.51 10.78 4.19
CA SER A 268 13.72 12.00 4.13
C SER A 268 13.92 12.90 5.35
N LEU A 269 14.03 12.32 6.54
CA LEU A 269 14.09 13.12 7.76
C LEU A 269 15.47 13.72 8.03
N ASN A 270 16.52 12.97 7.78
CA ASN A 270 17.86 13.38 8.18
C ASN A 270 18.61 14.05 7.03
N ASN A 271 19.57 14.89 7.40
CA ASN A 271 20.44 15.60 6.46
C ASN A 271 21.81 14.97 6.46
N TYR A 272 22.31 14.61 5.28
CA TYR A 272 23.56 13.90 5.10
C TYR A 272 24.49 14.67 4.17
N SER A 273 24.64 15.97 4.43
CA SER A 273 25.42 16.82 3.54
C SER A 273 26.92 16.58 3.70
N SER A 274 27.34 16.09 4.87
CA SER A 274 28.73 15.78 5.11
C SER A 274 28.95 14.31 5.47
N ALA A 275 27.90 13.49 5.44
CA ALA A 275 28.01 12.10 5.86
C ALA A 275 28.70 11.24 4.81
N LEU A 276 28.72 11.69 3.56
CA LEU A 276 29.44 10.99 2.49
C LEU A 276 30.18 12.04 1.68
N MET A 277 31.50 11.85 1.54
CA MET A 277 32.36 12.83 0.83
C MET A 277 32.19 12.68 -0.67
N PRO A 278 31.76 13.74 -1.38
CA PRO A 278 31.49 13.65 -2.84
C PRO A 278 32.70 13.19 -3.65
N GLY A 279 32.42 12.45 -4.71
CA GLY A 279 33.43 11.73 -5.45
C GLY A 279 33.56 10.27 -5.05
N GLN A 280 32.92 9.86 -3.96
CA GLN A 280 32.96 8.50 -3.46
C GLN A 280 31.54 7.95 -3.36
N PHE A 281 31.41 6.70 -2.93
CA PHE A 281 30.13 6.15 -2.54
C PHE A 281 30.29 5.28 -1.30
N PHE A 282 29.20 5.18 -0.53
CA PHE A 282 29.15 4.31 0.63
C PHE A 282 28.87 2.88 0.17
N VAL A 283 29.65 1.91 0.64
CA VAL A 283 29.62 0.56 0.08
C VAL A 283 29.21 -0.44 1.16
N TRP A 284 28.21 -1.27 0.84
CA TRP A 284 27.81 -2.43 1.61
C TRP A 284 28.30 -3.71 0.94
N GLN A 285 28.32 -4.79 1.71
CA GLN A 285 28.91 -6.06 1.31
C GLN A 285 27.86 -7.16 1.42
N LEU A 286 27.22 -7.48 0.30
CA LEU A 286 26.24 -8.56 0.28
C LEU A 286 26.95 -9.90 0.18
N THR A 287 26.50 -10.86 0.99
CA THR A 287 27.07 -12.20 1.01
C THR A 287 25.95 -13.20 0.69
N PHE A 288 26.06 -13.87 -0.44
CA PHE A 288 25.12 -14.90 -0.86
C PHE A 288 25.51 -16.23 -0.23
N ALA A 289 24.92 -17.32 -0.72
CA ALA A 289 25.32 -18.65 -0.31
C ALA A 289 26.57 -19.14 -1.03
N SER A 290 26.86 -18.60 -2.21
CA SER A 290 28.01 -19.05 -2.99
C SER A 290 28.75 -17.87 -3.63
N GLY A 291 28.90 -16.77 -2.91
CA GLY A 291 29.62 -15.63 -3.45
C GLY A 291 29.34 -14.39 -2.62
N PHE A 292 29.77 -13.25 -3.17
CA PHE A 292 29.63 -11.96 -2.50
C PHE A 292 29.75 -10.84 -3.52
N MET A 293 29.31 -9.65 -3.12
CA MET A 293 29.20 -8.50 -4.01
C MET A 293 29.30 -7.22 -3.17
N GLU A 294 29.81 -6.16 -3.79
CA GLU A 294 29.85 -4.83 -3.18
C GLU A 294 28.84 -3.91 -3.86
N ILE A 295 28.03 -3.21 -3.05
CA ILE A 295 26.96 -2.36 -3.55
C ILE A 295 27.17 -0.95 -3.02
N GLY A 296 27.24 0.02 -3.93
CA GLY A 296 27.51 1.40 -3.54
C GLY A 296 26.30 2.32 -3.50
N LEU A 297 26.48 3.49 -2.91
CA LEU A 297 25.42 4.49 -2.77
C LEU A 297 26.04 5.88 -2.80
N SER A 298 25.69 6.65 -3.83
CA SER A 298 26.34 7.91 -4.15
C SER A 298 25.69 9.08 -3.43
N VAL A 299 26.01 10.31 -3.84
CA VAL A 299 25.45 11.53 -3.27
C VAL A 299 24.10 11.87 -3.88
N ASP A 300 23.66 11.08 -4.87
CA ASP A 300 22.44 11.36 -5.59
C ASP A 300 21.34 10.34 -5.34
N GLY A 301 21.59 9.34 -4.50
CA GLY A 301 20.61 8.30 -4.23
C GLY A 301 20.66 7.09 -5.13
N TYR A 302 21.56 7.08 -6.11
CA TYR A 302 21.67 5.95 -7.03
C TYR A 302 22.51 4.84 -6.42
N PHE A 303 22.28 3.62 -6.89
CA PHE A 303 22.96 2.42 -6.40
C PHE A 303 23.79 1.82 -7.53
N TYR A 304 25.00 1.39 -7.19
CA TYR A 304 25.98 0.95 -8.19
C TYR A 304 26.44 -0.48 -7.90
N ALA A 305 26.70 -1.24 -8.97
CA ALA A 305 27.39 -2.52 -8.88
C ALA A 305 28.35 -2.64 -10.05
N GLY A 306 29.47 -3.33 -9.81
CA GLY A 306 30.51 -3.45 -10.82
C GLY A 306 30.34 -4.60 -11.77
N THR A 307 29.15 -4.73 -12.37
CA THR A 307 28.90 -5.82 -13.30
C THR A 307 29.54 -5.56 -14.65
N GLY A 308 29.63 -4.30 -15.05
CA GLY A 308 30.17 -3.94 -16.35
C GLY A 308 29.07 -3.82 -17.39
N ALA A 309 29.31 -4.40 -18.57
CA ALA A 309 28.33 -4.36 -19.66
C ALA A 309 27.54 -5.66 -19.70
N SER A 310 26.66 -5.82 -18.71
CA SER A 310 25.79 -6.99 -18.62
C SER A 310 24.40 -6.56 -18.20
N THR A 311 23.39 -7.21 -18.78
CA THR A 311 22.00 -6.93 -18.51
C THR A 311 21.28 -8.15 -17.93
N THR A 312 21.92 -8.83 -16.98
CA THR A 312 21.37 -10.05 -16.41
C THR A 312 20.87 -9.78 -15.00
N LEU A 313 19.66 -10.30 -14.73
CA LEU A 313 19.03 -10.11 -13.40
C LEU A 313 19.79 -10.94 -12.36
N ILE A 314 20.02 -10.36 -11.19
CA ILE A 314 20.71 -11.00 -10.08
C ILE A 314 19.71 -11.27 -8.99
N ASP A 315 19.55 -12.54 -8.61
CA ASP A 315 18.48 -12.97 -7.72
C ASP A 315 18.93 -12.94 -6.27
N LEU A 316 18.13 -12.33 -5.41
CA LEU A 316 18.33 -12.41 -3.96
C LEU A 316 17.47 -13.52 -3.37
N THR A 317 17.67 -14.74 -3.87
CA THR A 317 17.08 -15.92 -3.27
C THR A 317 17.99 -16.52 -2.20
N GLU A 318 19.28 -16.64 -2.50
CA GLU A 318 20.25 -17.20 -1.57
C GLU A 318 20.98 -16.14 -0.76
N LEU A 319 20.49 -14.90 -0.75
CA LEU A 319 21.17 -13.84 -0.01
C LEU A 319 20.91 -14.02 1.48
N ILE A 320 21.95 -13.76 2.29
CA ILE A 320 21.87 -14.00 3.73
C ILE A 320 22.05 -12.70 4.50
N ASP A 321 23.19 -12.05 4.34
CA ASP A 321 23.51 -10.90 5.19
C ASP A 321 24.23 -9.81 4.40
N VAL A 322 24.09 -8.58 4.89
CA VAL A 322 24.83 -7.41 4.39
C VAL A 322 25.68 -6.87 5.54
N ARG A 323 26.63 -6.00 5.20
CA ARG A 323 27.54 -5.45 6.19
C ARG A 323 28.09 -4.09 5.73
N PRO A 324 28.09 -3.07 6.58
CA PRO A 324 28.67 -1.79 6.19
C PRO A 324 30.18 -1.84 6.09
N VAL A 325 30.74 -0.98 5.23
CA VAL A 325 32.18 -0.87 5.06
C VAL A 325 32.59 0.58 5.26
N GLY A 326 31.97 1.49 4.52
CA GLY A 326 32.27 2.89 4.64
C GLY A 326 32.28 3.61 3.30
N PRO A 327 32.88 4.80 3.25
CA PRO A 327 33.10 5.46 1.96
C PRO A 327 34.28 4.84 1.22
N ARG A 328 34.14 4.74 -0.11
CA ARG A 328 35.16 4.20 -0.98
C ARG A 328 35.03 4.95 -2.31
N PRO A 329 36.14 5.29 -2.97
CA PRO A 329 36.06 6.16 -4.15
C PRO A 329 35.49 5.46 -5.37
N SER A 330 35.10 6.27 -6.34
CA SER A 330 34.44 5.77 -7.55
C SER A 330 35.39 5.09 -8.51
N LYS A 331 36.70 5.33 -8.39
CA LYS A 331 37.68 4.68 -9.27
C LYS A 331 37.87 3.22 -8.93
N SER A 332 37.56 2.81 -7.70
CA SER A 332 37.68 1.40 -7.31
C SER A 332 36.49 0.62 -7.83
N THR A 333 36.77 -0.50 -8.48
CA THR A 333 35.71 -1.35 -9.03
C THR A 333 35.14 -2.23 -7.93
N LEU A 334 33.81 -2.23 -7.79
CA LEU A 334 33.14 -3.10 -6.85
C LEU A 334 33.23 -4.55 -7.33
N VAL A 335 33.39 -5.48 -6.39
CA VAL A 335 33.73 -6.85 -6.72
C VAL A 335 32.51 -7.59 -7.27
N PHE A 336 32.77 -8.59 -8.09
CA PHE A 336 31.75 -9.40 -8.73
C PHE A 336 32.11 -10.87 -8.67
N ASN A 337 32.48 -11.35 -7.48
CA ASN A 337 32.75 -12.77 -7.27
C ASN A 337 31.43 -13.47 -6.93
N LEU A 338 30.61 -13.67 -7.95
CA LEU A 338 29.32 -14.30 -7.79
C LEU A 338 29.42 -15.81 -7.95
N GLY A 339 28.28 -16.47 -7.80
CA GLY A 339 28.21 -17.91 -7.97
C GLY A 339 28.03 -18.34 -9.41
N GLY A 340 29.09 -18.20 -10.21
CA GLY A 340 29.03 -18.57 -11.60
C GLY A 340 30.38 -18.51 -12.29
N LYS B 1 25.26 -11.21 22.39
CA LYS B 1 24.18 -10.73 21.54
C LYS B 1 23.45 -11.88 20.86
N THR B 2 24.05 -13.08 20.91
CA THR B 2 23.41 -14.26 20.34
C THR B 2 22.26 -14.76 21.20
N VAL B 3 22.31 -14.54 22.52
CA VAL B 3 21.23 -14.82 23.44
C VAL B 3 20.94 -13.54 24.22
N ASP B 4 19.98 -13.63 25.15
CA ASP B 4 19.51 -12.55 26.03
C ASP B 4 19.01 -11.35 25.21
N SER B 5 17.87 -11.59 24.55
CA SER B 5 17.32 -10.69 23.53
C SER B 5 16.97 -9.32 24.08
N ILE B 6 17.09 -8.31 23.21
CA ILE B 6 17.13 -6.93 23.62
C ILE B 6 15.72 -6.43 23.98
N SER B 7 15.67 -5.37 24.77
CA SER B 7 14.40 -4.72 25.07
C SER B 7 13.86 -4.02 23.83
N PRO B 8 12.51 -3.99 23.62
CA PRO B 8 11.92 -3.36 22.44
C PRO B 8 11.71 -1.85 22.59
N ALA B 9 12.79 -1.13 22.85
CA ALA B 9 12.72 0.33 22.88
C ALA B 9 12.96 0.95 21.51
N GLY B 10 13.45 0.16 20.55
CA GLY B 10 13.77 0.68 19.24
C GLY B 10 12.68 0.57 18.21
N LEU B 11 11.64 -0.23 18.45
CA LEU B 11 10.58 -0.39 17.47
C LEU B 11 9.54 0.72 17.52
N LEU B 12 9.54 1.54 18.57
CA LEU B 12 8.61 2.65 18.72
C LEU B 12 9.45 3.88 19.05
N THR B 13 9.63 4.76 18.07
CA THR B 13 10.42 5.97 18.21
C THR B 13 9.55 7.19 17.93
N THR B 14 10.21 8.35 17.88
CA THR B 14 9.47 9.59 17.61
C THR B 14 8.85 9.80 16.21
N PRO B 15 9.36 9.29 15.06
CA PRO B 15 8.62 9.60 13.82
C PRO B 15 7.44 8.68 13.55
N VAL B 16 7.18 7.70 14.41
CA VAL B 16 6.06 6.78 14.21
C VAL B 16 4.73 7.48 14.44
N LEU B 17 4.64 8.34 15.45
CA LEU B 17 3.39 9.01 15.77
C LEU B 17 3.15 10.26 14.94
N THR B 18 4.20 11.02 14.60
CA THR B 18 4.05 12.29 13.92
C THR B 18 4.77 12.29 12.57
N GLY B 19 4.55 11.24 11.78
CA GLY B 19 5.22 11.10 10.51
C GLY B 19 4.83 9.79 9.87
N VAL B 20 5.81 9.01 9.40
CA VAL B 20 5.53 7.72 8.78
C VAL B 20 5.05 6.71 9.81
N GLY B 21 4.49 5.61 9.33
CA GLY B 21 3.88 4.65 10.22
C GLY B 21 2.40 4.56 9.98
N ASN B 22 1.90 3.37 9.69
CA ASN B 22 0.56 3.20 9.17
C ASN B 22 -0.21 2.26 10.11
N ASP B 23 -1.40 1.88 9.69
CA ASP B 23 -2.28 1.06 10.53
C ASP B 23 -2.23 -0.39 10.07
N ASN B 24 -3.09 -1.23 10.66
CA ASN B 24 -3.18 -2.65 10.33
C ASN B 24 -4.31 -2.97 9.35
N ARG B 25 -5.42 -2.23 9.42
CA ARG B 25 -6.51 -2.48 8.49
C ARG B 25 -6.36 -1.65 7.23
N TRP B 26 -5.83 -0.43 7.35
CA TRP B 26 -5.73 0.50 6.25
C TRP B 26 -4.34 1.11 6.22
N ASN B 27 -3.98 1.68 5.08
CA ASN B 27 -2.68 2.34 4.92
C ASN B 27 -2.85 3.86 5.00
N GLY B 28 -3.07 4.32 6.23
CA GLY B 28 -3.11 5.75 6.51
C GLY B 28 -2.24 6.19 7.68
N GLN B 29 -1.90 7.48 7.75
CA GLN B 29 -1.20 8.03 8.90
C GLN B 29 -2.06 8.03 10.15
N ILE B 30 -1.43 7.68 11.27
CA ILE B 30 -2.11 7.61 12.55
C ILE B 30 -2.29 9.02 13.08
N VAL B 31 -3.53 9.50 13.07
CA VAL B 31 -3.84 10.86 13.52
C VAL B 31 -4.28 10.91 14.97
N GLY B 32 -4.49 9.78 15.62
CA GLY B 32 -4.86 9.81 17.02
C GLY B 32 -5.04 8.42 17.57
N LEU B 33 -5.22 8.37 18.89
CA LEU B 33 -5.50 7.15 19.62
C LEU B 33 -6.87 7.32 20.26
N GLN B 34 -7.66 6.25 20.29
CA GLN B 34 -8.95 6.32 20.95
C GLN B 34 -9.08 5.17 21.95
N PRO B 35 -9.48 5.44 23.18
CA PRO B 35 -9.66 4.35 24.16
C PRO B 35 -11.04 3.73 24.09
N VAL B 36 -11.06 2.41 24.02
CA VAL B 36 -12.30 1.64 24.02
C VAL B 36 -12.53 1.14 25.44
N PRO B 37 -13.65 1.49 26.09
CA PRO B 37 -13.97 0.94 27.41
C PRO B 37 -14.69 -0.40 27.28
N GLY B 38 -14.06 -1.45 27.79
CA GLY B 38 -14.64 -2.78 27.71
C GLY B 38 -13.70 -3.79 27.08
N GLY B 39 -12.87 -3.33 26.16
CA GLY B 39 -11.89 -4.17 25.50
C GLY B 39 -12.31 -4.54 24.08
N PHE B 40 -11.37 -5.15 23.38
CA PHE B 40 -11.58 -5.58 22.01
C PHE B 40 -10.70 -6.80 21.76
N SER B 41 -10.76 -7.32 20.54
CA SER B 41 -9.98 -8.50 20.16
C SER B 41 -9.73 -8.46 18.66
N THR B 42 -8.47 -8.29 18.27
CA THR B 42 -8.06 -8.32 16.87
C THR B 42 -6.99 -9.37 16.68
N CYS B 43 -7.21 -10.27 15.73
CA CYS B 43 -6.29 -11.39 15.50
C CYS B 43 -6.09 -11.63 14.02
N ASN B 44 -5.94 -10.58 13.23
CA ASN B 44 -5.60 -10.74 11.82
C ASN B 44 -4.12 -10.51 11.55
N ARG B 45 -3.61 -9.32 11.81
CA ARG B 45 -2.20 -9.01 11.62
C ARG B 45 -1.52 -8.80 12.97
N HIS B 46 -1.92 -9.56 13.97
CA HIS B 46 -1.48 -9.35 15.34
C HIS B 46 -0.43 -10.38 15.72
N TRP B 47 0.73 -9.90 16.14
CA TRP B 47 1.83 -10.73 16.59
C TRP B 47 2.06 -10.47 18.07
N ASN B 48 2.28 -11.53 18.85
CA ASN B 48 2.45 -11.37 20.28
C ASN B 48 3.90 -10.99 20.61
N LEU B 49 4.21 -10.99 21.91
CA LEU B 49 5.56 -10.68 22.37
C LEU B 49 6.53 -11.80 21.97
N ASN B 50 6.13 -13.05 22.20
CA ASN B 50 6.74 -14.16 21.49
C ASN B 50 6.25 -14.14 20.05
N GLY B 51 7.15 -14.41 19.11
CA GLY B 51 6.79 -14.32 17.71
C GLY B 51 5.88 -15.43 17.25
N SER B 52 4.60 -15.10 17.07
CA SER B 52 3.55 -16.03 16.67
C SER B 52 2.35 -15.21 16.25
N THR B 53 1.56 -15.75 15.32
CA THR B 53 0.28 -15.17 14.94
C THR B 53 -0.81 -16.21 15.07
N TYR B 54 -2.01 -15.75 15.42
CA TYR B 54 -3.20 -16.60 15.45
C TYR B 54 -4.13 -16.09 14.38
N GLY B 55 -3.89 -16.51 13.14
CA GLY B 55 -4.68 -16.04 12.02
C GLY B 55 -3.86 -15.98 10.75
N TRP B 56 -4.53 -15.52 9.70
CA TRP B 56 -4.05 -15.45 8.33
C TRP B 56 -3.38 -14.09 8.12
N SER B 57 -3.15 -13.70 6.86
CA SER B 57 -2.85 -12.31 6.43
C SER B 57 -1.51 -11.80 7.00
N SER B 58 -0.43 -12.29 6.38
CA SER B 58 0.95 -11.79 6.49
C SER B 58 1.02 -10.26 6.35
N PRO B 59 1.90 -9.57 7.12
CA PRO B 59 1.84 -8.08 7.26
C PRO B 59 2.40 -7.29 6.08
N ARG B 60 1.57 -7.14 5.05
CA ARG B 60 1.87 -6.43 3.82
C ARG B 60 0.57 -6.20 3.07
N PHE B 61 0.32 -4.94 2.67
CA PHE B 61 -0.91 -4.62 1.90
C PHE B 61 -0.64 -4.90 0.42
N ALA B 62 -0.87 -6.14 -0.01
CA ALA B 62 -0.60 -6.53 -1.42
C ALA B 62 -1.91 -6.59 -2.21
N ASP B 63 -2.57 -7.75 -2.22
CA ASP B 63 -3.86 -7.92 -2.94
C ASP B 63 -4.60 -9.13 -2.40
N ILE B 64 -5.87 -9.30 -2.80
CA ILE B 64 -6.68 -10.48 -2.35
C ILE B 64 -6.96 -11.36 -3.57
N ASP B 65 -6.58 -12.65 -3.53
CA ASP B 65 -6.78 -13.52 -4.67
C ASP B 65 -7.27 -14.88 -4.19
N HIS B 66 -8.26 -15.43 -4.88
CA HIS B 66 -8.78 -16.77 -4.62
C HIS B 66 -9.03 -17.41 -5.97
N ARG B 67 -9.08 -18.74 -6.01
CA ARG B 67 -9.32 -19.48 -7.25
C ARG B 67 -10.60 -20.31 -7.20
N ARG B 68 -10.92 -20.92 -6.06
CA ARG B 68 -12.12 -21.75 -5.94
C ARG B 68 -13.19 -20.99 -5.16
N GLY B 69 -14.41 -21.00 -5.69
CA GLY B 69 -15.54 -20.31 -5.09
C GLY B 69 -16.59 -20.04 -6.14
N SER B 70 -17.86 -20.00 -5.76
CA SER B 70 -18.92 -19.94 -6.76
C SER B 70 -19.48 -18.52 -6.89
N ALA B 71 -19.89 -18.20 -8.10
CA ALA B 71 -20.50 -16.91 -8.44
C ALA B 71 -21.94 -17.13 -8.90
N SER B 72 -22.82 -16.22 -8.49
CA SER B 72 -24.24 -16.29 -8.79
C SER B 72 -24.82 -14.88 -8.78
N TYR B 73 -26.03 -14.75 -9.31
CA TYR B 73 -26.69 -13.46 -9.44
C TYR B 73 -28.20 -13.67 -9.24
N PRO B 74 -28.90 -12.69 -8.68
CA PRO B 74 -30.36 -12.76 -8.64
C PRO B 74 -30.97 -12.19 -9.90
N GLY B 75 -32.25 -12.51 -10.11
CA GLY B 75 -32.99 -11.97 -11.23
C GLY B 75 -32.94 -12.86 -12.45
N ASN B 76 -34.01 -12.81 -13.25
CA ASN B 76 -34.10 -13.61 -14.46
C ASN B 76 -33.33 -12.98 -15.62
N ASN B 77 -33.03 -11.68 -15.53
CA ASN B 77 -32.30 -10.98 -16.58
C ASN B 77 -30.85 -10.78 -16.15
N ALA B 78 -29.92 -11.04 -17.05
CA ALA B 78 -28.49 -10.88 -16.78
C ALA B 78 -28.00 -9.50 -17.21
N THR B 79 -28.63 -8.46 -16.67
CA THR B 79 -28.32 -7.08 -17.02
C THR B 79 -28.73 -6.20 -15.84
N ASN B 80 -27.78 -5.36 -15.38
CA ASN B 80 -27.92 -4.47 -14.20
C ASN B 80 -28.26 -5.26 -12.94
N VAL B 81 -27.34 -6.17 -12.59
CA VAL B 81 -27.53 -7.03 -11.43
C VAL B 81 -26.44 -6.78 -10.41
N LEU B 82 -26.44 -7.55 -9.33
CA LEU B 82 -25.35 -7.46 -8.32
C LEU B 82 -24.70 -8.85 -8.20
N GLN B 83 -23.43 -8.98 -8.59
CA GLN B 83 -22.77 -10.31 -8.57
C GLN B 83 -22.69 -10.83 -7.12
N PHE B 84 -22.69 -12.16 -6.94
CA PHE B 84 -22.68 -12.76 -5.59
C PHE B 84 -21.67 -13.90 -5.54
N TRP B 85 -20.53 -13.69 -4.87
CA TRP B 85 -19.50 -14.71 -4.77
C TRP B 85 -19.45 -15.23 -3.35
N TYR B 86 -19.30 -16.54 -3.20
CA TYR B 86 -19.01 -17.08 -1.88
C TYR B 86 -18.12 -18.31 -1.99
N ALA B 87 -17.34 -18.52 -0.94
CA ALA B 87 -16.58 -19.75 -0.74
C ALA B 87 -16.62 -20.09 0.74
N ASN B 88 -16.28 -21.34 1.06
CA ASN B 88 -16.32 -21.76 2.46
C ASN B 88 -15.01 -21.44 3.15
N ALA B 89 -15.08 -21.30 4.48
CA ALA B 89 -13.90 -21.00 5.27
C ALA B 89 -13.05 -22.26 5.42
N GLY B 90 -12.00 -22.35 4.62
CA GLY B 90 -11.15 -23.53 4.58
C GLY B 90 -10.66 -23.91 3.21
N SER B 91 -11.07 -23.22 2.14
CA SER B 91 -10.63 -23.52 0.80
C SER B 91 -9.42 -22.71 0.36
N ALA B 92 -8.78 -21.99 1.29
CA ALA B 92 -7.57 -21.23 1.00
C ALA B 92 -6.37 -22.17 1.09
N ILE B 93 -6.19 -22.97 0.03
CA ILE B 93 -5.09 -23.92 -0.02
C ILE B 93 -3.77 -23.19 -0.26
N ASP B 94 -3.81 -22.11 -1.05
CA ASP B 94 -2.61 -21.36 -1.39
C ASP B 94 -2.08 -20.51 -0.24
N ASN B 95 -2.89 -20.29 0.79
CA ASN B 95 -2.45 -19.56 1.98
C ASN B 95 -1.50 -20.43 2.79
N PRO B 96 -0.25 -20.03 3.01
CA PRO B 96 0.69 -20.86 3.78
C PRO B 96 0.63 -20.65 5.28
N ILE B 97 -0.16 -19.69 5.78
CA ILE B 97 -0.21 -19.42 7.21
C ILE B 97 -1.32 -20.21 7.88
N SER B 98 -2.56 -19.97 7.44
CA SER B 98 -3.70 -20.75 7.92
C SER B 98 -4.71 -20.86 6.79
N GLN B 99 -5.55 -21.88 6.86
CA GLN B 99 -6.44 -22.23 5.76
C GLN B 99 -7.76 -21.47 5.78
N VAL B 100 -8.07 -20.74 6.87
CA VAL B 100 -9.45 -20.32 7.11
C VAL B 100 -9.88 -19.12 6.28
N ALA B 101 -8.93 -18.40 5.65
CA ALA B 101 -9.27 -17.22 4.86
C ALA B 101 -8.19 -17.01 3.82
N PRO B 102 -8.50 -16.39 2.68
CA PRO B 102 -7.44 -16.00 1.75
C PRO B 102 -6.62 -14.83 2.30
N ASP B 103 -5.43 -14.65 1.74
CA ASP B 103 -4.49 -13.65 2.23
C ASP B 103 -4.96 -12.25 1.89
N GLY B 104 -5.14 -11.43 2.91
CA GLY B 104 -5.60 -10.07 2.74
C GLY B 104 -7.09 -9.89 2.87
N PHE B 105 -7.84 -10.94 3.16
CA PHE B 105 -9.29 -10.83 3.30
C PHE B 105 -9.62 -10.16 4.62
N PRO B 106 -10.44 -9.10 4.63
CA PRO B 106 -10.64 -8.33 5.86
C PRO B 106 -11.52 -9.05 6.88
N ASP B 107 -11.30 -8.71 8.15
CA ASP B 107 -12.00 -9.36 9.26
C ASP B 107 -13.23 -8.55 9.68
N MET B 108 -14.06 -8.23 8.71
CA MET B 108 -15.28 -7.46 8.92
C MET B 108 -16.47 -8.39 8.74
N SER B 109 -17.35 -8.43 9.74
CA SER B 109 -18.60 -9.18 9.62
C SER B 109 -19.49 -8.51 8.59
N PHE B 110 -20.24 -9.33 7.85
CA PHE B 110 -21.00 -8.81 6.73
C PHE B 110 -22.25 -8.07 7.19
N VAL B 111 -22.45 -6.88 6.63
CA VAL B 111 -23.67 -6.11 6.83
C VAL B 111 -24.66 -6.47 5.73
N PRO B 112 -25.80 -7.09 6.05
CA PRO B 112 -26.72 -7.57 5.00
C PRO B 112 -27.54 -6.42 4.43
N PHE B 113 -27.55 -6.31 3.11
CA PHE B 113 -28.28 -5.25 2.43
C PHE B 113 -28.89 -5.80 1.14
N ASN B 114 -29.90 -5.10 0.63
CA ASN B 114 -30.62 -5.55 -0.54
C ASN B 114 -31.21 -4.30 -1.18
N GLY B 115 -30.97 -4.13 -2.48
CA GLY B 115 -31.58 -3.06 -3.24
C GLY B 115 -30.61 -1.96 -3.60
N PRO B 116 -31.14 -0.81 -4.04
CA PRO B 116 -30.26 0.31 -4.42
C PRO B 116 -29.69 1.07 -3.24
N GLY B 117 -30.17 0.83 -2.03
CA GLY B 117 -29.62 1.49 -0.86
C GLY B 117 -28.27 0.90 -0.50
N ILE B 118 -27.23 1.72 -0.49
CA ILE B 118 -25.88 1.29 -0.14
C ILE B 118 -25.82 1.01 1.36
N PRO B 119 -25.01 0.05 1.81
CA PRO B 119 -25.03 -0.34 3.23
C PRO B 119 -24.33 0.69 4.12
N ALA B 120 -24.56 0.53 5.41
CA ALA B 120 -23.93 1.35 6.44
C ALA B 120 -22.61 0.72 6.84
N ALA B 121 -21.52 1.47 6.59
CA ALA B 121 -20.12 1.07 6.74
C ALA B 121 -19.77 -0.22 6.02
N GLY B 122 -18.69 -0.87 6.43
CA GLY B 122 -18.22 -2.07 5.76
C GLY B 122 -16.92 -1.84 5.01
N TRP B 123 -16.46 -2.90 4.36
CA TRP B 123 -15.19 -2.93 3.63
C TRP B 123 -15.49 -3.16 2.15
N VAL B 124 -15.46 -2.09 1.37
CA VAL B 124 -15.58 -2.19 -0.08
C VAL B 124 -14.18 -2.00 -0.68
N GLY B 125 -14.05 -2.40 -1.93
CA GLY B 125 -12.79 -2.31 -2.63
C GLY B 125 -12.98 -2.46 -4.12
N PHE B 126 -12.14 -1.77 -4.88
CA PHE B 126 -12.21 -1.80 -6.33
C PHE B 126 -11.61 -3.11 -6.82
N GLY B 127 -12.43 -3.94 -7.47
CA GLY B 127 -11.96 -5.25 -7.87
C GLY B 127 -12.68 -5.84 -9.06
N ALA B 128 -12.42 -7.12 -9.32
CA ALA B 128 -12.98 -7.80 -10.48
C ALA B 128 -13.10 -9.29 -10.20
N ILE B 129 -13.78 -9.98 -11.11
CA ILE B 129 -13.97 -11.42 -11.05
C ILE B 129 -13.03 -12.04 -12.09
N TRP B 130 -12.65 -13.30 -11.89
CA TRP B 130 -11.88 -14.02 -12.89
C TRP B 130 -12.14 -15.53 -12.78
N ASN B 131 -12.04 -16.19 -13.93
CA ASN B 131 -12.26 -17.63 -14.04
C ASN B 131 -10.96 -18.41 -14.01
N SER B 132 -11.07 -19.71 -13.69
CA SER B 132 -9.90 -20.55 -13.53
C SER B 132 -9.48 -21.14 -14.88
N ASN B 133 -8.59 -22.15 -14.83
CA ASN B 133 -8.02 -22.87 -15.98
C ASN B 133 -7.28 -21.92 -16.93
N SER B 134 -6.17 -21.35 -16.43
CA SER B 134 -5.40 -20.36 -17.24
C SER B 134 -6.35 -19.31 -17.81
N GLY B 135 -7.16 -18.67 -16.93
CA GLY B 135 -8.15 -17.69 -17.40
C GLY B 135 -7.80 -16.27 -16.99
N ALA B 136 -7.95 -15.31 -17.92
CA ALA B 136 -7.69 -13.88 -17.60
C ALA B 136 -8.99 -13.26 -17.06
N PRO B 137 -8.98 -12.06 -16.43
CA PRO B 137 -10.20 -11.51 -15.83
C PRO B 137 -11.14 -10.95 -16.89
N ASN B 138 -12.43 -10.93 -16.56
CA ASN B 138 -13.44 -10.53 -17.53
C ASN B 138 -13.46 -9.01 -17.64
N VAL B 139 -13.60 -8.53 -18.87
CA VAL B 139 -13.48 -7.10 -19.18
C VAL B 139 -14.68 -6.33 -18.64
N THR B 140 -15.89 -6.86 -18.84
CA THR B 140 -17.11 -6.11 -18.64
C THR B 140 -17.59 -6.08 -17.19
N THR B 141 -16.88 -6.71 -16.25
CA THR B 141 -17.23 -6.66 -14.83
C THR B 141 -16.03 -6.28 -13.96
N VAL B 142 -15.86 -4.97 -13.77
CA VAL B 142 -14.92 -4.40 -12.81
C VAL B 142 -15.71 -3.40 -11.99
N GLN B 143 -15.79 -3.61 -10.67
CA GLN B 143 -16.69 -2.79 -9.86
C GLN B 143 -16.17 -2.78 -8.42
N ALA B 144 -16.77 -1.91 -7.60
CA ALA B 144 -16.52 -1.91 -6.17
C ALA B 144 -17.35 -3.01 -5.52
N TYR B 145 -16.67 -3.93 -4.84
CA TYR B 145 -17.29 -5.04 -4.15
C TYR B 145 -17.06 -4.89 -2.65
N GLU B 146 -18.10 -5.15 -1.86
CA GLU B 146 -17.96 -5.23 -0.42
C GLU B 146 -17.75 -6.70 -0.03
N LEU B 147 -16.79 -6.92 0.85
CA LEU B 147 -16.39 -8.26 1.28
C LEU B 147 -16.79 -8.48 2.74
N GLY B 148 -16.94 -9.75 3.11
CA GLY B 148 -17.28 -10.04 4.49
C GLY B 148 -17.41 -11.53 4.75
N PHE B 149 -17.85 -11.83 5.97
CA PHE B 149 -18.13 -13.20 6.41
C PHE B 149 -19.61 -13.33 6.70
N ALA B 150 -20.26 -14.32 6.08
CA ALA B 150 -21.70 -14.51 6.23
C ALA B 150 -21.98 -15.94 6.69
N THR B 151 -23.26 -16.19 6.98
CA THR B 151 -23.76 -17.49 7.33
C THR B 151 -25.12 -17.69 6.66
N GLY B 152 -25.28 -18.83 6.01
CA GLY B 152 -26.53 -19.12 5.33
C GLY B 152 -26.67 -18.53 3.94
N ALA B 153 -25.55 -18.27 3.27
CA ALA B 153 -25.59 -17.80 1.89
C ALA B 153 -26.03 -18.93 0.96
N PRO B 154 -26.78 -18.63 -0.12
CA PRO B 154 -27.26 -17.33 -0.61
C PRO B 154 -28.67 -16.97 -0.17
N GLY B 155 -29.15 -17.55 0.93
CA GLY B 155 -30.47 -17.23 1.43
C GLY B 155 -30.47 -16.05 2.38
N ASN B 156 -30.87 -16.28 3.62
CA ASN B 156 -30.88 -15.23 4.64
C ASN B 156 -29.46 -14.98 5.10
N LEU B 157 -28.86 -13.90 4.62
CA LEU B 157 -27.48 -13.58 4.95
C LEU B 157 -27.41 -12.92 6.33
N GLN B 158 -26.61 -13.52 7.23
CA GLN B 158 -26.48 -13.05 8.60
C GLN B 158 -25.04 -12.69 8.89
N PRO B 159 -24.80 -11.69 9.75
CA PRO B 159 -23.42 -11.41 10.18
C PRO B 159 -22.86 -12.52 11.04
N THR B 160 -21.54 -12.65 11.02
CA THR B 160 -20.83 -13.75 11.67
C THR B 160 -19.83 -13.22 12.68
N THR B 161 -19.80 -13.83 13.86
CA THR B 161 -18.90 -13.41 14.93
C THR B 161 -17.65 -14.27 15.02
N ASN B 162 -17.80 -15.59 14.96
CA ASN B 162 -16.67 -16.52 15.05
C ASN B 162 -16.26 -16.96 13.65
N THR B 163 -14.95 -17.17 13.46
CA THR B 163 -14.45 -17.53 12.14
C THR B 163 -14.77 -18.99 11.81
N SER B 164 -14.81 -19.86 12.82
CA SER B 164 -15.06 -21.28 12.60
C SER B 164 -16.52 -21.53 12.23
N GLY B 165 -16.73 -22.43 11.27
CA GLY B 165 -18.06 -22.76 10.80
C GLY B 165 -18.75 -21.66 10.02
N SER B 166 -18.00 -20.95 9.17
CA SER B 166 -18.52 -19.82 8.43
C SER B 166 -18.15 -19.94 6.95
N GLN B 167 -18.40 -18.87 6.21
CA GLN B 167 -18.10 -18.83 4.79
C GLN B 167 -17.86 -17.38 4.38
N THR B 168 -16.90 -17.17 3.49
CA THR B 168 -16.54 -15.83 3.02
C THR B 168 -17.42 -15.47 1.82
N VAL B 169 -17.75 -14.17 1.73
CA VAL B 169 -18.74 -13.68 0.80
C VAL B 169 -18.30 -12.33 0.26
N ALA B 170 -18.73 -12.02 -0.96
CA ALA B 170 -18.38 -10.76 -1.61
C ALA B 170 -19.47 -10.40 -2.62
N LYS B 171 -19.95 -9.16 -2.56
CA LYS B 171 -20.95 -8.73 -3.54
C LYS B 171 -20.81 -7.26 -3.86
N SER B 172 -21.22 -6.92 -5.08
CA SER B 172 -21.08 -5.57 -5.60
C SER B 172 -22.08 -4.61 -4.96
N ILE B 173 -21.66 -3.36 -4.81
CA ILE B 173 -22.55 -2.32 -4.28
C ILE B 173 -23.20 -1.50 -5.40
N TYR B 174 -22.67 -1.56 -6.62
CA TYR B 174 -23.17 -0.80 -7.76
C TYR B 174 -23.70 -1.77 -8.82
N ALA B 175 -24.03 -1.23 -9.98
CA ALA B 175 -24.65 -1.99 -11.06
C ALA B 175 -23.63 -2.38 -12.11
N VAL B 176 -23.67 -3.64 -12.55
CA VAL B 176 -22.85 -4.16 -13.62
C VAL B 176 -23.74 -4.99 -14.53
N VAL B 177 -23.61 -4.77 -15.85
CA VAL B 177 -24.54 -5.29 -16.85
C VAL B 177 -24.32 -6.76 -17.21
N THR B 178 -23.38 -7.43 -16.53
CA THR B 178 -23.07 -8.82 -16.86
C THR B 178 -22.91 -9.62 -15.58
N GLY B 179 -23.20 -10.92 -15.67
CA GLY B 179 -22.92 -11.84 -14.59
C GLY B 179 -22.49 -13.20 -15.09
N THR B 180 -21.51 -13.80 -14.41
CA THR B 180 -21.05 -15.15 -14.72
C THR B 180 -21.53 -16.12 -13.65
N ALA B 181 -21.69 -17.39 -14.04
CA ALA B 181 -22.24 -18.38 -13.12
C ALA B 181 -21.45 -19.69 -13.12
N GLN B 182 -20.16 -19.65 -13.43
CA GLN B 182 -19.34 -20.85 -13.39
C GLN B 182 -19.06 -21.24 -11.94
N ASN B 183 -18.99 -22.55 -11.69
CA ASN B 183 -18.62 -23.05 -10.37
C ASN B 183 -17.17 -22.74 -9.97
N PRO B 184 -16.12 -22.87 -10.84
CA PRO B 184 -14.83 -22.30 -10.42
C PRO B 184 -14.71 -20.84 -10.79
N ALA B 185 -14.56 -19.97 -9.77
CA ALA B 185 -14.43 -18.53 -9.97
C ALA B 185 -13.68 -17.96 -8.78
N GLY B 186 -13.11 -16.77 -8.97
CA GLY B 186 -12.35 -16.13 -7.92
C GLY B 186 -12.36 -14.63 -8.05
N LEU B 187 -11.85 -13.98 -7.00
CA LEU B 187 -11.78 -12.53 -6.90
C LEU B 187 -10.39 -12.00 -7.25
N PHE B 188 -10.35 -10.70 -7.53
CA PHE B 188 -9.11 -9.93 -7.51
C PHE B 188 -9.49 -8.57 -6.95
N VAL B 189 -9.17 -8.35 -5.68
CA VAL B 189 -9.52 -7.14 -4.95
C VAL B 189 -8.23 -6.48 -4.50
N MET B 190 -8.18 -5.16 -4.72
CA MET B 190 -7.02 -4.35 -4.23
C MET B 190 -7.01 -4.49 -2.71
N ALA B 191 -5.85 -4.34 -2.09
CA ALA B 191 -5.76 -4.61 -0.66
C ALA B 191 -6.16 -3.40 0.19
N SER B 192 -5.97 -2.20 -0.33
CA SER B 192 -6.41 -1.00 0.39
C SER B 192 -7.93 -0.88 0.32
N GLY B 193 -8.53 -0.43 1.42
CA GLY B 193 -9.97 -0.43 1.54
C GLY B 193 -10.50 0.88 2.07
N VAL B 194 -11.79 1.10 1.82
CA VAL B 194 -12.52 2.29 2.25
C VAL B 194 -13.86 1.85 2.84
N ILE B 195 -14.62 2.83 3.31
CA ILE B 195 -15.86 2.59 4.04
C ILE B 195 -17.02 3.26 3.30
N SER B 196 -18.05 2.47 3.00
CA SER B 196 -19.20 2.93 2.23
C SER B 196 -20.26 3.49 3.17
N THR B 197 -20.51 4.80 3.07
CA THR B 197 -21.45 5.49 3.95
C THR B 197 -22.59 6.09 3.15
N PRO B 198 -23.86 5.89 3.57
CA PRO B 198 -25.00 6.36 2.76
C PRO B 198 -25.19 7.87 2.69
N SER B 199 -25.23 8.55 3.83
CA SER B 199 -25.43 9.99 3.88
C SER B 199 -24.16 10.75 4.27
N ALA B 200 -23.36 10.14 5.15
CA ALA B 200 -21.97 10.51 5.46
C ALA B 200 -21.84 11.92 6.03
N ASN B 201 -22.28 12.08 7.29
CA ASN B 201 -22.11 13.37 8.00
C ASN B 201 -21.03 13.19 9.09
N ALA B 202 -21.42 12.77 10.29
CA ALA B 202 -20.44 12.49 11.38
C ALA B 202 -20.24 10.98 11.49
N ILE B 203 -21.34 10.21 11.58
CA ILE B 203 -21.27 8.71 11.57
C ILE B 203 -20.66 8.13 12.85
N THR B 204 -19.67 7.24 12.74
CA THR B 204 -19.11 6.51 13.86
C THR B 204 -17.83 5.89 13.31
N TYR B 205 -16.78 5.85 14.15
CA TYR B 205 -15.53 5.16 13.80
C TYR B 205 -15.76 3.69 13.50
N THR B 206 -15.09 3.21 12.45
CA THR B 206 -15.24 1.84 11.97
C THR B 206 -13.89 1.11 12.00
N PRO B 207 -13.87 -0.18 12.35
CA PRO B 207 -14.96 -1.01 12.88
C PRO B 207 -15.17 -0.86 14.38
N GLN B 208 -16.37 -1.16 14.85
CA GLN B 208 -16.68 -1.14 16.26
C GLN B 208 -16.14 -2.40 16.93
N PRO B 209 -15.99 -2.40 18.27
CA PRO B 209 -15.60 -3.64 18.96
C PRO B 209 -16.60 -4.79 18.87
N ASP B 210 -17.85 -4.52 18.55
CA ASP B 210 -18.85 -5.57 18.37
C ASP B 210 -18.90 -6.11 16.95
N ARG B 211 -17.96 -5.70 16.08
CA ARG B 211 -18.00 -6.03 14.67
C ARG B 211 -16.74 -6.73 14.16
N ILE B 212 -15.77 -7.01 15.05
CA ILE B 212 -14.51 -7.62 14.64
C ILE B 212 -14.61 -9.13 14.85
N VAL B 213 -14.37 -9.89 13.79
CA VAL B 213 -14.45 -11.35 13.88
C VAL B 213 -13.19 -11.86 14.57
N THR B 214 -13.32 -13.04 15.20
CA THR B 214 -12.24 -13.63 15.97
C THR B 214 -12.12 -15.11 15.66
N THR B 215 -10.88 -15.58 15.50
CA THR B 215 -10.61 -17.01 15.45
C THR B 215 -10.77 -17.60 16.85
N PRO B 216 -11.10 -18.90 16.96
CA PRO B 216 -11.12 -19.54 18.28
C PRO B 216 -9.73 -19.63 18.90
N GLY B 217 -9.70 -19.52 20.23
CA GLY B 217 -8.44 -19.52 20.95
C GLY B 217 -7.71 -18.20 20.93
N THR B 218 -8.44 -17.08 20.80
CA THR B 218 -7.77 -15.78 20.77
C THR B 218 -7.60 -15.24 22.19
N PRO B 219 -6.54 -14.49 22.47
CA PRO B 219 -6.48 -13.75 23.73
C PRO B 219 -7.31 -12.47 23.65
N ALA B 220 -7.94 -12.12 24.75
CA ALA B 220 -8.87 -11.00 24.81
C ALA B 220 -8.29 -9.89 25.68
N ALA B 221 -8.34 -8.66 25.17
CA ALA B 221 -7.90 -7.51 25.95
C ALA B 221 -8.93 -7.15 27.00
N ALA B 222 -8.47 -6.94 28.23
CA ALA B 222 -9.34 -6.61 29.34
C ALA B 222 -8.80 -5.38 30.07
N PRO B 223 -9.69 -4.50 30.54
CA PRO B 223 -9.22 -3.33 31.33
C PRO B 223 -8.76 -3.76 32.72
N VAL B 224 -7.49 -3.51 33.00
CA VAL B 224 -6.89 -3.86 34.30
C VAL B 224 -6.70 -2.56 35.07
N GLY B 225 -7.44 -2.41 36.17
CA GLY B 225 -7.37 -1.20 36.97
C GLY B 225 -8.02 -0.04 36.24
N LYS B 226 -7.32 1.08 36.19
CA LYS B 226 -7.76 2.26 35.45
C LYS B 226 -7.24 2.26 34.01
N ASN B 227 -6.42 1.29 33.64
CA ASN B 227 -5.86 1.24 32.29
C ASN B 227 -6.83 0.55 31.33
N THR B 228 -7.16 1.23 30.24
CA THR B 228 -8.04 0.74 29.20
C THR B 228 -7.24 0.48 27.94
N PRO B 229 -7.64 -0.51 27.12
CA PRO B 229 -6.99 -0.68 25.82
C PRO B 229 -7.35 0.45 24.87
N ILE B 230 -6.39 0.80 24.01
CA ILE B 230 -6.53 1.88 23.06
C ILE B 230 -6.37 1.31 21.65
N MET B 231 -6.72 2.13 20.67
CA MET B 231 -6.79 1.67 19.29
C MET B 231 -6.59 2.86 18.36
N PHE B 232 -5.75 2.68 17.34
CA PHE B 232 -5.19 3.80 16.59
C PHE B 232 -6.05 4.16 15.39
N ALA B 233 -6.42 5.44 15.29
CA ALA B 233 -7.28 5.91 14.22
C ALA B 233 -6.46 6.51 13.08
N SER B 234 -7.12 6.65 11.93
CA SER B 234 -6.52 7.22 10.74
C SER B 234 -7.65 7.78 9.88
N VAL B 235 -7.29 8.61 8.91
CA VAL B 235 -8.26 9.16 7.99
C VAL B 235 -8.39 8.25 6.77
N VAL B 236 -9.63 7.90 6.42
CA VAL B 236 -9.93 6.96 5.34
C VAL B 236 -11.06 7.59 4.53
N ARG B 237 -10.92 7.53 3.20
CA ARG B 237 -11.90 8.02 2.25
C ARG B 237 -13.21 7.25 2.35
N ARG B 238 -14.28 7.84 1.84
CA ARG B 238 -15.59 7.23 1.85
C ARG B 238 -16.19 7.26 0.45
N THR B 239 -17.13 6.35 0.19
CA THR B 239 -17.69 6.26 -1.15
C THR B 239 -18.70 7.38 -1.41
N GLY B 240 -19.30 7.92 -0.36
CA GLY B 240 -20.24 9.01 -0.55
C GLY B 240 -19.58 10.33 -0.85
N ASP B 241 -18.40 10.57 -0.27
CA ASP B 241 -17.68 11.84 -0.42
C ASP B 241 -16.21 11.52 -0.72
N VAL B 242 -15.74 11.92 -1.90
CA VAL B 242 -14.35 11.70 -2.27
C VAL B 242 -13.43 12.58 -1.43
N ASN B 243 -13.85 13.82 -1.15
CA ASN B 243 -13.08 14.75 -0.32
C ASN B 243 -13.33 14.47 1.16
N ALA B 244 -12.64 13.47 1.67
CA ALA B 244 -12.64 13.16 3.10
C ALA B 244 -11.42 13.79 3.78
N THR B 245 -11.31 15.10 3.64
CA THR B 245 -10.18 15.85 4.16
C THR B 245 -10.46 16.35 5.58
N ALA B 246 -9.38 16.46 6.37
CA ALA B 246 -9.47 16.94 7.75
C ALA B 246 -9.49 18.47 7.74
N GLY B 247 -10.69 19.01 7.55
CA GLY B 247 -10.88 20.45 7.51
C GLY B 247 -12.32 20.81 7.75
N SER B 248 -12.85 21.72 6.94
CA SER B 248 -14.27 22.07 6.98
C SER B 248 -15.05 21.08 6.12
N ALA B 249 -16.33 21.40 5.87
CA ALA B 249 -17.31 20.57 5.16
C ALA B 249 -17.45 19.19 5.82
N ASN B 250 -18.09 19.14 7.00
CA ASN B 250 -18.40 17.87 7.73
C ASN B 250 -17.20 17.21 8.43
N GLY B 251 -17.43 16.59 9.59
CA GLY B 251 -16.38 15.84 10.24
C GLY B 251 -16.02 14.55 9.50
N THR B 252 -14.80 14.10 9.74
CA THR B 252 -14.21 13.01 8.97
C THR B 252 -14.56 11.65 9.56
N GLN B 253 -14.31 10.60 8.77
CA GLN B 253 -14.46 9.23 9.22
C GLN B 253 -13.10 8.69 9.66
N TYR B 254 -13.04 8.22 10.90
CA TYR B 254 -11.80 7.72 11.49
C TYR B 254 -11.82 6.19 11.44
N GLY B 255 -10.98 5.61 10.58
CA GLY B 255 -10.83 4.17 10.51
C GLY B 255 -9.78 3.73 11.51
N THR B 256 -10.09 2.67 12.25
CA THR B 256 -9.33 2.32 13.43
C THR B 256 -8.70 0.92 13.30
N GLY B 257 -7.46 0.81 13.76
CA GLY B 257 -6.74 -0.45 13.73
C GLY B 257 -6.06 -0.73 15.05
N SER B 258 -5.59 -1.97 15.20
CA SER B 258 -5.15 -2.45 16.51
C SER B 258 -3.75 -1.95 16.87
N GLN B 259 -2.76 -2.23 16.04
CA GLN B 259 -1.37 -1.88 16.32
C GLN B 259 -0.76 -1.34 15.04
N PRO B 260 0.29 -0.51 15.13
CA PRO B 260 0.90 0.03 13.91
C PRO B 260 1.69 -1.01 13.13
N LEU B 261 1.79 -0.75 11.82
CA LEU B 261 2.46 -1.69 10.91
C LEU B 261 3.99 -1.70 11.01
N PRO B 262 4.73 -0.59 11.27
CA PRO B 262 6.16 -0.76 11.60
C PRO B 262 6.44 -1.58 12.85
N VAL B 263 5.55 -1.55 13.84
CA VAL B 263 5.67 -2.39 15.03
C VAL B 263 5.50 -3.86 14.65
N THR B 264 4.52 -4.17 13.79
CA THR B 264 4.30 -5.54 13.33
C THR B 264 5.43 -6.02 12.43
N ILE B 265 5.99 -5.13 11.60
CA ILE B 265 7.11 -5.47 10.72
C ILE B 265 8.37 -5.76 11.55
N GLY B 266 8.66 -4.91 12.55
CA GLY B 266 9.81 -5.14 13.39
C GLY B 266 9.63 -6.24 14.42
N LEU B 267 8.40 -6.67 14.68
CA LEU B 267 8.14 -7.67 15.70
C LEU B 267 7.70 -9.03 15.11
N SER B 268 7.54 -9.11 13.79
CA SER B 268 7.27 -10.40 13.16
C SER B 268 8.52 -11.27 13.00
N LEU B 269 9.72 -10.69 13.16
CA LEU B 269 10.96 -11.44 13.04
C LEU B 269 11.60 -11.76 14.37
N ASN B 270 11.77 -10.77 15.24
CA ASN B 270 12.46 -10.97 16.50
C ASN B 270 11.58 -11.68 17.52
N ASN B 271 12.22 -12.36 18.47
CA ASN B 271 11.56 -13.04 19.56
C ASN B 271 11.86 -12.32 20.86
N TYR B 272 10.81 -11.99 21.62
CA TYR B 272 10.93 -11.23 22.85
C TYR B 272 10.27 -11.97 24.00
N SER B 273 10.55 -13.27 24.13
CA SER B 273 9.91 -14.06 25.18
C SER B 273 10.52 -13.78 26.54
N SER B 274 11.81 -13.45 26.59
CA SER B 274 12.50 -13.13 27.84
C SER B 274 12.81 -11.65 27.99
N ALA B 275 12.34 -10.81 27.07
CA ALA B 275 12.64 -9.39 27.14
C ALA B 275 11.82 -8.69 28.21
N LEU B 276 10.56 -9.07 28.37
CA LEU B 276 9.65 -8.42 29.31
C LEU B 276 9.01 -9.49 30.18
N MET B 277 9.03 -9.27 31.50
CA MET B 277 8.51 -10.23 32.45
C MET B 277 6.99 -10.12 32.43
N PRO B 278 6.25 -11.23 32.25
CA PRO B 278 4.79 -11.14 32.09
C PRO B 278 4.06 -10.70 33.35
N GLY B 279 2.97 -9.95 33.15
CA GLY B 279 2.28 -9.27 34.22
C GLY B 279 2.61 -7.80 34.31
N GLN B 280 3.62 -7.33 33.58
CA GLN B 280 3.97 -5.93 33.47
C GLN B 280 3.83 -5.49 32.01
N PHE B 281 4.16 -4.22 31.75
CA PHE B 281 4.19 -3.72 30.38
C PHE B 281 5.38 -2.79 30.21
N PHE B 282 5.86 -2.70 28.96
CA PHE B 282 6.93 -1.77 28.62
C PHE B 282 6.32 -0.41 28.33
N VAL B 283 6.57 0.56 29.21
CA VAL B 283 5.96 1.87 29.15
C VAL B 283 6.96 2.85 28.54
N TRP B 284 6.46 3.71 27.65
CA TRP B 284 7.19 4.83 27.07
C TRP B 284 6.71 6.12 27.70
N GLN B 285 7.17 7.24 27.15
CA GLN B 285 6.81 8.57 27.61
C GLN B 285 6.68 9.50 26.42
N LEU B 286 5.43 9.78 26.02
CA LEU B 286 5.16 10.76 24.98
C LEU B 286 5.16 12.15 25.61
N THR B 287 5.75 13.12 24.92
CA THR B 287 5.84 14.49 25.40
C THR B 287 5.18 15.43 24.40
N PHE B 288 4.02 15.97 24.78
CA PHE B 288 3.30 16.90 23.94
C PHE B 288 3.79 18.33 24.20
N ALA B 289 3.10 19.32 23.64
CA ALA B 289 3.46 20.71 23.85
C ALA B 289 2.96 21.27 25.18
N SER B 290 2.02 20.59 25.85
CA SER B 290 1.49 21.07 27.11
C SER B 290 1.28 19.97 28.14
N GLY B 291 1.80 18.76 27.90
CA GLY B 291 1.60 17.68 28.85
C GLY B 291 2.38 16.45 28.46
N PHE B 292 1.98 15.34 29.06
CA PHE B 292 2.63 14.05 28.79
C PHE B 292 1.65 12.92 29.08
N MET B 293 1.80 11.82 28.34
CA MET B 293 0.95 10.66 28.49
C MET B 293 1.80 9.40 28.36
N GLU B 294 1.60 8.46 29.28
CA GLU B 294 2.35 7.21 29.32
C GLU B 294 1.55 6.11 28.63
N ILE B 295 2.19 5.37 27.74
CA ILE B 295 1.57 4.30 26.96
C ILE B 295 2.34 3.01 27.26
N GLY B 296 1.63 1.98 27.70
CA GLY B 296 2.23 0.69 28.01
C GLY B 296 1.93 -0.33 26.92
N LEU B 297 2.83 -1.30 26.77
CA LEU B 297 2.70 -2.37 25.78
C LEU B 297 2.82 -3.70 26.50
N SER B 298 1.72 -4.46 26.52
CA SER B 298 1.66 -5.71 27.29
C SER B 298 2.26 -6.86 26.48
N VAL B 299 2.18 -8.07 27.03
CA VAL B 299 2.71 -9.26 26.35
C VAL B 299 1.77 -9.80 25.29
N ASP B 300 0.56 -9.28 25.18
CA ASP B 300 -0.39 -9.71 24.16
C ASP B 300 -0.26 -8.93 22.87
N GLY B 301 0.57 -7.87 22.84
CA GLY B 301 0.67 -7.00 21.70
C GLY B 301 -0.27 -5.81 21.72
N TYR B 302 -1.04 -5.63 22.79
CA TYR B 302 -1.98 -4.54 22.91
C TYR B 302 -1.35 -3.37 23.66
N PHE B 303 -1.96 -2.20 23.52
CA PHE B 303 -1.48 -0.97 24.13
C PHE B 303 -2.46 -0.49 25.18
N TYR B 304 -1.94 0.01 26.29
CA TYR B 304 -2.73 0.44 27.44
C TYR B 304 -2.44 1.90 27.78
N ALA B 305 -3.48 2.63 28.15
CA ALA B 305 -3.36 4.00 28.62
C ALA B 305 -4.29 4.23 29.80
N GLY B 306 -3.86 5.11 30.71
CA GLY B 306 -4.65 5.40 31.90
C GLY B 306 -5.59 6.57 31.74
N THR B 307 -6.39 6.58 30.68
CA THR B 307 -7.33 7.69 30.47
C THR B 307 -8.55 7.58 31.38
N GLY B 308 -8.94 6.37 31.74
CA GLY B 308 -10.13 6.17 32.55
C GLY B 308 -11.36 5.88 31.71
N ALA B 309 -12.53 6.21 32.22
CA ALA B 309 -13.78 5.95 31.52
C ALA B 309 -14.17 7.14 30.63
N SER B 310 -13.37 7.33 29.59
CA SER B 310 -13.59 8.39 28.62
C SER B 310 -13.40 7.85 27.21
N THR B 311 -14.21 8.36 26.27
CA THR B 311 -14.15 7.98 24.87
C THR B 311 -13.66 9.14 24.00
N THR B 312 -12.86 10.03 24.58
CA THR B 312 -12.39 11.21 23.86
C THR B 312 -11.17 10.86 23.00
N LEU B 313 -11.24 11.23 21.73
CA LEU B 313 -10.11 11.01 20.82
C LEU B 313 -9.00 12.00 21.14
N ILE B 314 -7.78 11.50 21.31
CA ILE B 314 -6.63 12.33 21.63
C ILE B 314 -5.83 12.57 20.36
N ASP B 315 -5.65 13.84 20.01
CA ASP B 315 -5.07 14.22 18.73
C ASP B 315 -3.55 14.29 18.84
N LEU B 316 -2.85 13.57 17.97
CA LEU B 316 -1.40 13.68 17.84
C LEU B 316 -1.03 14.70 16.76
N THR B 317 -1.12 15.97 17.14
CA THR B 317 -0.64 17.08 16.33
C THR B 317 0.53 17.81 16.98
N GLU B 318 0.49 17.96 18.30
CA GLU B 318 1.52 18.68 19.05
C GLU B 318 2.53 17.76 19.71
N LEU B 319 2.56 16.47 19.35
CA LEU B 319 3.51 15.54 19.94
C LEU B 319 4.90 15.81 19.38
N ILE B 320 5.91 15.79 20.26
CA ILE B 320 7.26 16.23 19.88
C ILE B 320 8.22 15.06 19.84
N ASP B 321 8.43 14.39 20.98
CA ASP B 321 9.44 13.36 21.06
C ASP B 321 8.97 12.24 21.99
N VAL B 322 9.59 11.07 21.82
CA VAL B 322 9.26 9.87 22.58
C VAL B 322 10.53 9.36 23.26
N ARG B 323 10.47 9.22 24.58
CA ARG B 323 11.59 8.71 25.37
C ARG B 323 11.17 7.45 26.11
N PRO B 324 11.89 6.34 26.00
CA PRO B 324 11.48 5.10 26.65
C PRO B 324 11.72 5.12 28.15
N VAL B 325 10.88 4.39 28.88
CA VAL B 325 11.00 4.28 30.33
C VAL B 325 11.40 2.85 30.69
N GLY B 326 10.58 1.87 30.30
CA GLY B 326 10.94 0.49 30.52
C GLY B 326 9.87 -0.33 31.21
N PRO B 327 10.27 -1.34 31.98
CA PRO B 327 9.28 -2.22 32.62
C PRO B 327 8.65 -1.57 33.85
N ARG B 328 7.32 -1.66 33.91
CA ARG B 328 6.51 -1.15 35.02
C ARG B 328 5.30 -2.05 35.17
N PRO B 329 4.93 -2.40 36.41
CA PRO B 329 3.85 -3.39 36.61
C PRO B 329 2.47 -2.81 36.36
N SER B 330 1.48 -3.70 36.36
CA SER B 330 0.11 -3.33 36.02
C SER B 330 -0.62 -2.63 37.16
N LYS B 331 -0.10 -2.69 38.38
CA LYS B 331 -0.74 -1.99 39.49
C LYS B 331 -0.52 -0.49 39.43
N SER B 332 0.56 -0.06 38.78
CA SER B 332 0.83 1.37 38.65
C SER B 332 -0.06 1.98 37.57
N THR B 333 -0.66 3.13 37.89
CA THR B 333 -1.53 3.82 36.95
C THR B 333 -0.72 4.82 36.13
N LEU B 334 -0.91 4.78 34.81
CA LEU B 334 -0.22 5.71 33.93
C LEU B 334 -0.81 7.11 34.04
N VAL B 335 0.05 8.11 33.83
CA VAL B 335 -0.39 9.50 34.01
C VAL B 335 -1.21 9.96 32.81
N PHE B 336 -2.04 10.97 33.03
CA PHE B 336 -2.90 11.55 32.01
C PHE B 336 -2.90 13.07 32.11
N ASN B 337 -1.72 13.66 32.25
CA ASN B 337 -1.58 15.11 32.36
C ASN B 337 -1.74 15.70 30.95
N LEU B 338 -2.93 16.21 30.66
CA LEU B 338 -3.24 16.78 29.37
C LEU B 338 -3.70 18.23 29.54
N GLY B 339 -3.33 19.08 28.59
CA GLY B 339 -3.70 20.47 28.63
C GLY B 339 -5.14 20.72 28.20
#